data_2Y41
#
_entry.id   2Y41
#
_cell.length_a   50.240
_cell.length_b   146.330
_cell.length_c   175.210
_cell.angle_alpha   90.00
_cell.angle_beta   90.00
_cell.angle_gamma   90.00
#
_symmetry.space_group_name_H-M   'C 2 2 21'
#
loop_
_entity.id
_entity.type
_entity.pdbx_description
1 polymer '3-ISOPROPYLMALATE DEHYDROGENASE'
2 non-polymer '3-ISOPROPYLMALIC ACID'
3 non-polymer 'MANGANESE (II) ION'
4 water water
#
_entity_poly.entity_id   1
_entity_poly.type   'polypeptide(L)'
_entity_poly.pdbx_seq_one_letter_code
;MASMKVAVLPGDGIGPEVTEAALKVLRALDEAEGLGLAYEVFPFGGAAIDAFGEPFPEPTRKGVEEAEAVLLGSVGGPKW
DGLPRKIRPETGLLSLRKSQDLFANLRPAKVFPGLERLSPLKEEIARGVDVLIVRELTGGIYFGEPRGMSEAEAWNTERY
SKPEVERVARVAFEAARKRRKHVVSVDKANVLEVGEFWRKTVEEVGRGYPDVALEHQYVDAMAMHLVRSPARFDVVVTGN
IFGDILSDLASVLPGSLGLLPSASLGRGTPVFEPVHGSAPDIAGKGIANPTAAILSAAMMLEHAFGLVELARKVEDAVAK
ALLETPPPDLGGSAGTEAFTATVLRHLAAAALEHHHHHH
;
_entity_poly.pdbx_strand_id   A,B
#
loop_
_chem_comp.id
_chem_comp.type
_chem_comp.name
_chem_comp.formula
IPM non-polymer '3-ISOPROPYLMALIC ACID' 'C7 H12 O5'
MN non-polymer 'MANGANESE (II) ION' 'Mn 2'
#
# COMPACT_ATOMS: atom_id res chain seq x y z
N SER A 3 39.78 6.10 11.21
CA SER A 3 38.85 5.45 12.22
C SER A 3 37.49 5.04 11.64
N MET A 4 36.76 4.16 12.34
CA MET A 4 35.44 3.65 11.92
C MET A 4 34.65 3.24 13.18
N LYS A 5 34.13 4.22 13.91
CA LYS A 5 33.43 3.96 15.17
C LYS A 5 31.95 3.63 14.94
N VAL A 6 31.58 2.41 15.29
CA VAL A 6 30.23 1.87 15.06
C VAL A 6 29.49 1.47 16.34
N ALA A 7 28.29 2.00 16.54
CA ALA A 7 27.45 1.59 17.64
C ALA A 7 26.58 0.47 17.08
N VAL A 8 26.63 -0.67 17.73
CA VAL A 8 25.90 -1.85 17.26
C VAL A 8 24.78 -2.15 18.25
N LEU A 9 23.54 -2.13 17.75
CA LEU A 9 22.34 -2.37 18.56
C LEU A 9 21.63 -3.61 17.97
N PRO A 10 22.00 -4.84 18.41
CA PRO A 10 21.45 -6.09 17.90
C PRO A 10 19.92 -6.24 18.04
N GLY A 11 19.37 -5.77 19.15
CA GLY A 11 17.93 -5.85 19.35
C GLY A 11 17.44 -7.23 19.69
N ASP A 12 16.28 -7.58 19.14
CA ASP A 12 15.57 -8.81 19.53
C ASP A 12 15.44 -9.83 18.45
N GLY A 13 14.96 -11.02 18.84
CA GLY A 13 14.71 -12.11 17.93
C GLY A 13 15.87 -12.43 17.00
N ILE A 14 15.67 -12.31 15.69
CA ILE A 14 16.78 -12.66 14.75
C ILE A 14 17.79 -11.54 14.61
N GLY A 15 17.49 -10.41 15.24
CA GLY A 15 18.31 -9.22 15.26
C GLY A 15 19.75 -9.52 15.59
N PRO A 16 20.01 -10.13 16.74
CA PRO A 16 21.42 -10.50 17.04
C PRO A 16 22.09 -11.46 16.03
N GLU A 17 21.36 -12.46 15.50
CA GLU A 17 21.90 -13.40 14.51
C GLU A 17 22.29 -12.69 13.23
N VAL A 18 21.37 -11.93 12.65
CA VAL A 18 21.70 -11.24 11.39
C VAL A 18 22.76 -10.16 11.59
N THR A 19 22.76 -9.50 12.74
CA THR A 19 23.76 -8.48 13.04
C THR A 19 25.17 -9.12 13.15
N GLU A 20 25.26 -10.30 13.77
CA GLU A 20 26.54 -10.98 13.88
C GLU A 20 27.05 -11.38 12.48
N ALA A 21 26.13 -11.79 11.58
CA ALA A 21 26.50 -12.11 10.20
C ALA A 21 27.07 -10.88 9.50
N ALA A 22 26.40 -9.74 9.66
CA ALA A 22 26.90 -8.48 9.11
C ALA A 22 28.22 -8.13 9.81
N LEU A 23 28.35 -8.41 11.10
CA LEU A 23 29.64 -8.16 11.77
C LEU A 23 30.82 -8.99 11.16
N LYS A 24 30.54 -10.22 10.75
CA LYS A 24 31.61 -11.07 10.15
C LYS A 24 32.05 -10.48 8.84
N VAL A 25 31.10 -9.92 8.08
CA VAL A 25 31.46 -9.30 6.81
C VAL A 25 32.33 -8.07 7.05
N LEU A 26 31.96 -7.23 8.00
CA LEU A 26 32.74 -6.06 8.33
C LEU A 26 34.14 -6.43 8.87
N ARG A 27 34.23 -7.40 9.78
CA ARG A 27 35.53 -7.84 10.32
C ARG A 27 36.45 -8.36 9.23
N ALA A 28 35.90 -9.13 8.29
CA ALA A 28 36.70 -9.67 7.20
C ALA A 28 37.18 -8.52 6.31
N LEU A 29 36.39 -7.46 6.18
CA LEU A 29 36.83 -6.32 5.36
C LEU A 29 37.87 -5.49 6.11
N ASP A 30 37.67 -5.35 7.42
CA ASP A 30 38.60 -4.62 8.28
C ASP A 30 40.01 -5.22 8.13
N GLU A 31 40.10 -6.53 8.29
CA GLU A 31 41.36 -7.24 8.13
C GLU A 31 42.02 -7.08 6.74
N ALA A 32 41.20 -7.15 5.70
CA ALA A 32 41.72 -7.09 4.34
C ALA A 32 42.08 -5.67 3.86
N GLU A 33 41.32 -4.67 4.31
CA GLU A 33 41.52 -3.27 3.88
C GLU A 33 42.17 -2.36 4.94
N GLY A 34 42.18 -2.79 6.20
CA GLY A 34 42.78 -2.00 7.29
C GLY A 34 41.92 -0.79 7.60
N LEU A 35 40.64 -1.05 7.82
CA LEU A 35 39.64 -0.02 8.05
C LEU A 35 39.65 0.63 9.43
N GLY A 36 40.29 0.00 10.41
CA GLY A 36 40.33 0.54 11.77
C GLY A 36 38.95 0.57 12.44
N LEU A 37 38.15 -0.44 12.16
CA LEU A 37 36.81 -0.59 12.73
C LEU A 37 36.88 -0.71 14.24
N ALA A 38 35.98 -0.07 14.96
CA ALA A 38 35.90 -0.27 16.39
C ALA A 38 34.42 -0.31 16.74
N TYR A 39 33.95 -1.43 17.27
CA TYR A 39 32.54 -1.43 17.54
C TYR A 39 32.24 -1.66 18.98
N GLU A 40 31.01 -1.34 19.37
CA GLU A 40 30.59 -1.55 20.74
C GLU A 40 29.09 -1.90 20.68
N VAL A 41 28.71 -2.88 21.50
CA VAL A 41 27.34 -3.38 21.49
C VAL A 41 26.51 -2.67 22.57
N PHE A 42 25.32 -2.20 22.23
CA PHE A 42 24.45 -1.55 23.20
C PHE A 42 23.05 -2.17 23.26
N PRO A 43 22.41 -2.13 24.44
CA PRO A 43 21.07 -2.71 24.49
C PRO A 43 20.04 -1.77 23.85
N PHE A 44 19.05 -2.36 23.17
CA PHE A 44 18.02 -1.60 22.46
C PHE A 44 16.79 -2.50 22.30
N GLY A 45 15.61 -1.93 22.35
CA GLY A 45 14.41 -2.75 22.12
C GLY A 45 13.96 -3.54 23.33
N GLY A 46 13.40 -4.73 23.09
CA GLY A 46 12.93 -5.58 24.17
C GLY A 46 13.99 -5.82 25.23
N ALA A 47 15.21 -6.09 24.76
CA ALA A 47 16.36 -6.35 25.63
C ALA A 47 16.59 -5.15 26.54
N ALA A 48 16.46 -3.94 26.01
CA ALA A 48 16.68 -2.76 26.85
C ALA A 48 15.54 -2.56 27.85
N ILE A 49 14.31 -2.84 27.41
CA ILE A 49 13.14 -2.74 28.31
C ILE A 49 13.34 -3.64 29.53
N ASP A 50 13.80 -4.87 29.30
CA ASP A 50 14.01 -5.84 30.36
C ASP A 50 15.21 -5.49 31.26
N ALA A 51 16.24 -4.85 30.70
CA ALA A 51 17.42 -4.45 31.47
C ALA A 51 17.30 -3.05 32.10
N PHE A 52 16.69 -2.10 31.42
CA PHE A 52 16.65 -0.71 31.91
C PHE A 52 15.24 -0.12 32.09
N GLY A 53 14.23 -0.79 31.57
CA GLY A 53 12.87 -0.28 31.69
C GLY A 53 12.45 0.61 30.53
N GLU A 54 13.34 0.77 29.55
CA GLU A 54 13.05 1.56 28.37
C GLU A 54 13.80 1.00 27.15
N PRO A 55 13.16 1.05 25.98
CA PRO A 55 13.75 0.48 24.78
C PRO A 55 15.01 1.27 24.26
N PHE A 56 15.14 2.54 24.59
CA PHE A 56 16.26 3.36 24.11
C PHE A 56 16.86 4.04 25.32
N PRO A 57 17.60 3.29 26.16
CA PRO A 57 18.12 3.78 27.43
C PRO A 57 19.32 4.69 27.29
N GLU A 58 19.61 5.43 28.36
CA GLU A 58 20.77 6.37 28.41
C GLU A 58 22.10 5.88 27.84
N PRO A 59 22.67 4.75 28.34
CA PRO A 59 23.97 4.30 27.78
C PRO A 59 23.92 4.07 26.25
N THR A 60 22.75 3.65 25.74
CA THR A 60 22.55 3.41 24.31
C THR A 60 22.44 4.74 23.58
N ARG A 61 21.70 5.68 24.14
CA ARG A 61 21.58 6.98 23.52
C ARG A 61 22.96 7.66 23.45
N LYS A 62 23.75 7.53 24.52
CA LYS A 62 25.09 8.09 24.53
C LYS A 62 25.97 7.39 23.49
N GLY A 63 25.90 6.05 23.45
CA GLY A 63 26.69 5.27 22.51
C GLY A 63 26.39 5.66 21.07
N VAL A 64 25.12 5.85 20.74
CA VAL A 64 24.73 6.27 19.40
C VAL A 64 25.29 7.66 19.06
N GLU A 65 25.14 8.61 19.98
CA GLU A 65 25.60 10.00 19.72
C GLU A 65 27.12 10.13 19.55
N GLU A 66 27.86 9.20 20.16
CA GLU A 66 29.32 9.25 20.13
C GLU A 66 29.95 8.48 18.96
N ALA A 67 29.16 7.60 18.33
CA ALA A 67 29.64 6.81 17.22
C ALA A 67 29.51 7.60 15.92
N GLU A 68 30.13 7.09 14.85
CA GLU A 68 30.02 7.66 13.51
C GLU A 68 28.85 6.97 12.75
N ALA A 69 28.42 5.80 13.20
CA ALA A 69 27.32 5.12 12.55
C ALA A 69 26.74 4.09 13.48
N VAL A 70 25.49 3.71 13.20
CA VAL A 70 24.80 2.70 13.96
C VAL A 70 24.44 1.56 13.05
N LEU A 71 24.81 0.36 13.49
CA LEU A 71 24.39 -0.88 12.83
C LEU A 71 23.31 -1.43 13.74
N LEU A 72 22.08 -1.50 13.23
CA LEU A 72 20.93 -1.91 14.07
C LEU A 72 20.37 -3.25 13.63
N GLY A 73 19.95 -4.09 14.56
CA GLY A 73 19.33 -5.38 14.26
C GLY A 73 17.85 -5.19 13.96
N SER A 74 17.01 -5.81 14.79
CA SER A 74 15.57 -5.72 14.65
C SER A 74 15.01 -5.63 16.06
N VAL A 75 13.79 -5.10 16.24
CA VAL A 75 13.22 -4.96 17.59
C VAL A 75 11.82 -5.49 17.72
N GLY A 76 11.45 -5.91 18.93
CA GLY A 76 10.08 -6.36 19.17
C GLY A 76 9.91 -7.85 19.28
N GLY A 77 8.71 -8.25 19.65
CA GLY A 77 8.30 -9.62 19.83
C GLY A 77 7.14 -9.65 20.81
N PRO A 78 6.40 -10.78 20.86
CA PRO A 78 5.23 -10.89 21.73
C PRO A 78 5.51 -10.75 23.22
N LYS A 79 6.73 -11.04 23.66
CA LYS A 79 7.08 -10.85 25.07
C LYS A 79 6.70 -9.45 25.63
N TRP A 80 6.75 -8.42 24.77
CA TRP A 80 6.48 -7.05 25.21
C TRP A 80 5.10 -6.53 24.81
N ASP A 81 4.22 -7.41 24.31
CA ASP A 81 2.88 -6.97 23.92
C ASP A 81 2.12 -6.43 25.13
N GLY A 82 1.39 -5.34 24.90
CA GLY A 82 0.62 -4.67 25.93
C GLY A 82 1.33 -3.59 26.73
N LEU A 83 2.63 -3.40 26.50
CA LEU A 83 3.33 -2.30 27.23
C LEU A 83 2.72 -0.93 26.93
N PRO A 84 2.82 0.03 27.88
CA PRO A 84 2.41 1.36 27.54
C PRO A 84 3.19 1.80 26.31
N ARG A 85 2.48 2.46 25.38
CA ARG A 85 3.09 2.91 24.11
C ARG A 85 4.44 3.61 24.28
N LYS A 86 4.60 4.39 25.32
CA LYS A 86 5.83 5.17 25.49
C LYS A 86 7.12 4.34 25.59
N ILE A 87 6.98 3.08 25.94
CA ILE A 87 8.14 2.20 26.11
C ILE A 87 8.08 0.93 25.26
N ARG A 88 7.24 0.90 24.22
CA ARG A 88 7.20 -0.28 23.33
CA ARG A 88 7.19 -0.27 23.34
C ARG A 88 8.52 -0.36 22.56
N PRO A 89 8.90 -1.55 22.10
CA PRO A 89 10.15 -1.60 21.32
C PRO A 89 10.09 -0.68 20.08
N GLU A 90 8.90 -0.60 19.49
CA GLU A 90 8.61 0.22 18.31
C GLU A 90 8.74 1.70 18.60
N THR A 91 8.30 2.13 19.77
CA THR A 91 8.50 3.54 20.16
C THR A 91 9.99 3.80 20.37
N GLY A 92 10.74 2.86 20.93
CA GLY A 92 12.19 3.07 21.05
C GLY A 92 12.84 3.30 19.68
N LEU A 93 12.37 2.63 18.66
CA LEU A 93 12.89 2.73 17.32
C LEU A 93 12.61 4.15 16.77
N LEU A 94 11.36 4.60 16.90
CA LEU A 94 10.99 5.93 16.50
C LEU A 94 11.77 6.92 17.31
N SER A 95 12.03 6.61 18.54
CA SER A 95 12.79 7.54 19.36
C SER A 95 14.24 7.68 18.90
N LEU A 96 14.81 6.57 18.45
CA LEU A 96 16.17 6.56 17.89
C LEU A 96 16.20 7.45 16.63
N ARG A 97 15.33 7.15 15.67
CA ARG A 97 15.27 7.91 14.44
C ARG A 97 15.10 9.40 14.74
N LYS A 98 14.19 9.71 15.65
CA LYS A 98 13.85 11.08 16.02
C LYS A 98 14.98 11.82 16.76
N SER A 99 15.66 11.14 17.67
CA SER A 99 16.70 11.79 18.45
C SER A 99 17.88 12.19 17.58
N GLN A 100 18.08 11.50 16.47
CA GLN A 100 19.21 11.83 15.57
C GLN A 100 18.67 12.59 14.37
N ASP A 101 17.37 12.87 14.42
CA ASP A 101 16.69 13.58 13.34
C ASP A 101 17.09 13.02 11.94
N LEU A 102 16.87 11.71 11.80
CA LEU A 102 17.19 10.97 10.56
C LEU A 102 15.94 11.01 9.70
N PHE A 103 15.74 12.17 9.09
CA PHE A 103 14.53 12.44 8.34
C PHE A 103 14.46 11.74 7.01
N ALA A 104 15.60 11.25 6.51
CA ALA A 104 15.66 10.61 5.18
C ALA A 104 15.96 9.12 5.26
N ASN A 105 14.93 8.31 4.99
CA ASN A 105 15.12 6.85 5.06
C ASN A 105 15.27 6.30 3.65
N LEU A 106 16.42 5.69 3.37
CA LEU A 106 16.67 5.13 2.06
C LEU A 106 16.50 3.62 2.03
N ARG A 107 15.61 3.17 1.15
CA ARG A 107 15.32 1.75 1.00
C ARG A 107 15.42 1.32 -0.47
N PRO A 108 16.55 0.72 -0.84
CA PRO A 108 16.70 0.30 -2.23
C PRO A 108 16.11 -1.10 -2.53
N ALA A 109 15.18 -1.18 -3.49
CA ALA A 109 14.64 -2.47 -3.91
C ALA A 109 15.23 -2.78 -5.28
N LYS A 110 15.96 -3.89 -5.33
CA LYS A 110 16.72 -4.19 -6.53
C LYS A 110 16.69 -5.68 -6.88
N VAL A 111 16.39 -5.98 -8.15
CA VAL A 111 16.40 -7.36 -8.59
C VAL A 111 17.71 -7.57 -9.30
N PHE A 112 18.59 -8.33 -8.66
CA PHE A 112 19.91 -8.60 -9.25
C PHE A 112 19.81 -9.38 -10.54
N PRO A 113 20.61 -8.99 -11.53
CA PRO A 113 20.60 -9.65 -12.82
C PRO A 113 20.78 -11.16 -12.61
N GLY A 114 19.88 -11.94 -13.21
CA GLY A 114 19.93 -13.40 -13.10
C GLY A 114 18.99 -13.98 -12.06
N LEU A 115 18.54 -13.14 -11.11
CA LEU A 115 17.66 -13.58 -10.01
C LEU A 115 16.16 -13.29 -10.17
N GLU A 116 15.72 -12.99 -11.39
CA GLU A 116 14.31 -12.68 -11.68
C GLU A 116 13.40 -13.85 -11.27
N ARG A 117 13.97 -15.07 -11.35
CA ARG A 117 13.33 -16.32 -10.97
C ARG A 117 12.66 -16.29 -9.57
N LEU A 118 13.34 -15.68 -8.61
CA LEU A 118 12.91 -15.60 -7.21
C LEU A 118 11.72 -14.68 -6.96
N SER A 119 11.53 -13.69 -7.83
CA SER A 119 10.45 -12.74 -7.68
C SER A 119 9.11 -13.45 -7.82
N PRO A 120 8.12 -13.01 -7.06
CA PRO A 120 6.79 -13.57 -7.25
C PRO A 120 6.21 -13.09 -8.59
N LEU A 121 6.80 -12.03 -9.15
CA LEU A 121 6.31 -11.46 -10.41
C LEU A 121 6.94 -12.20 -11.55
N LYS A 122 6.31 -12.14 -12.73
CA LYS A 122 6.81 -12.80 -13.91
C LYS A 122 8.15 -12.13 -14.19
N GLU A 123 9.10 -12.93 -14.66
CA GLU A 123 10.47 -12.49 -14.96
C GLU A 123 10.67 -11.16 -15.70
N GLU A 124 9.93 -10.97 -16.80
CA GLU A 124 10.08 -9.78 -17.63
C GLU A 124 9.68 -8.49 -16.94
N ILE A 125 8.94 -8.62 -15.85
CA ILE A 125 8.48 -7.49 -15.07
C ILE A 125 9.47 -7.20 -13.94
N ALA A 126 10.05 -8.24 -13.37
CA ALA A 126 10.99 -8.08 -12.29
C ALA A 126 12.38 -7.65 -12.79
N ARG A 127 12.65 -7.94 -14.06
CA ARG A 127 13.97 -7.65 -14.64
C ARG A 127 14.39 -6.18 -14.71
N GLY A 128 15.55 -5.88 -14.15
CA GLY A 128 16.06 -4.54 -14.19
C GLY A 128 15.49 -3.64 -13.10
N VAL A 129 14.66 -4.20 -12.21
CA VAL A 129 14.11 -3.38 -11.13
C VAL A 129 15.25 -2.83 -10.27
N ASP A 130 15.25 -1.51 -10.08
CA ASP A 130 16.26 -0.82 -9.27
C ASP A 130 15.60 0.47 -8.80
N VAL A 131 14.91 0.39 -7.68
CA VAL A 131 14.17 1.54 -7.22
C VAL A 131 14.67 1.99 -5.87
N LEU A 132 14.74 3.28 -5.62
CA LEU A 132 15.16 3.74 -4.30
C LEU A 132 13.96 4.47 -3.63
N ILE A 133 13.44 3.95 -2.54
CA ILE A 133 12.33 4.67 -1.90
C ILE A 133 12.99 5.64 -0.92
N VAL A 134 12.68 6.93 -1.03
CA VAL A 134 13.16 7.91 -0.06
C VAL A 134 11.95 8.18 0.80
N ARG A 135 11.99 7.74 2.04
CA ARG A 135 10.82 7.86 2.92
C ARG A 135 11.04 8.91 4.03
N GLU A 136 10.12 9.88 4.19
CA GLU A 136 10.27 10.87 5.25
C GLU A 136 10.11 10.08 6.56
N LEU A 137 11.09 10.14 7.45
CA LEU A 137 11.06 9.25 8.64
C LEU A 137 10.76 9.81 10.05
N THR A 138 10.91 11.11 10.27
CA THR A 138 10.75 11.64 11.62
C THR A 138 9.54 12.59 11.76
N GLY A 139 8.63 12.57 10.78
CA GLY A 139 7.48 13.47 10.81
C GLY A 139 6.20 12.75 10.44
N GLY A 140 5.21 13.50 9.97
CA GLY A 140 3.93 12.88 9.60
C GLY A 140 3.22 12.27 10.80
N ILE A 141 2.27 11.40 10.49
CA ILE A 141 1.40 10.77 11.45
C ILE A 141 2.12 9.96 12.53
N TYR A 142 3.37 9.52 12.25
CA TYR A 142 4.18 8.78 13.24
C TYR A 142 4.47 9.63 14.45
N PHE A 143 4.64 10.93 14.24
CA PHE A 143 5.00 11.87 15.30
C PHE A 143 4.00 13.01 15.54
N GLY A 144 2.98 13.12 14.68
CA GLY A 144 2.05 14.22 14.77
C GLY A 144 1.14 14.26 16.00
N GLU A 145 0.90 15.49 16.48
CA GLU A 145 -0.04 15.73 17.54
C GLU A 145 -1.18 16.62 17.06
N PRO A 146 -2.37 16.52 17.66
CA PRO A 146 -2.79 15.63 18.76
C PRO A 146 -2.82 14.16 18.37
N ARG A 147 -2.78 13.30 19.37
CA ARG A 147 -2.85 11.87 19.19
C ARG A 147 -3.36 11.31 20.52
N GLY A 148 -4.20 10.29 20.46
CA GLY A 148 -4.69 9.66 21.70
C GLY A 148 -5.88 8.80 21.45
N MET A 149 -6.48 8.34 22.54
CA MET A 149 -7.65 7.51 22.47
C MET A 149 -8.37 7.52 23.80
N SER A 150 -9.68 7.35 23.73
CA SER A 150 -10.52 7.23 24.91
C SER A 150 -11.33 6.00 24.59
N GLU A 151 -12.36 5.73 25.39
CA GLU A 151 -13.19 4.59 25.13
C GLU A 151 -14.09 4.78 23.90
N ALA A 152 -14.32 6.04 23.55
CA ALA A 152 -15.25 6.34 22.48
C ALA A 152 -14.59 6.55 21.10
N GLU A 153 -13.31 6.89 21.07
CA GLU A 153 -12.63 7.16 19.81
C GLU A 153 -11.13 7.23 20.00
N ALA A 154 -10.43 7.25 18.87
CA ALA A 154 -8.98 7.39 18.80
C ALA A 154 -8.64 8.33 17.64
N TRP A 155 -7.49 9.01 17.73
CA TRP A 155 -7.10 10.04 16.75
C TRP A 155 -5.59 10.16 16.63
N ASN A 156 -5.15 10.42 15.40
CA ASN A 156 -3.74 10.63 15.07
C ASN A 156 -3.74 11.70 13.98
N THR A 157 -2.66 12.49 13.90
CA THR A 157 -2.65 13.64 12.99
C THR A 157 -1.56 13.51 11.95
N GLU A 158 -1.97 13.44 10.68
CA GLU A 158 -1.03 13.40 9.56
C GLU A 158 -0.77 14.86 9.26
N ARG A 159 0.44 15.33 9.49
CA ARG A 159 0.75 16.71 9.25
C ARG A 159 2.21 16.84 8.85
N TYR A 160 2.49 17.83 8.00
CA TYR A 160 3.85 18.20 7.56
C TYR A 160 4.07 19.68 7.49
N SER A 161 5.27 20.14 7.88
CA SER A 161 5.64 21.53 7.71
C SER A 161 6.43 21.68 6.41
N LYS A 162 6.50 22.89 5.89
CA LYS A 162 7.23 23.17 4.66
C LYS A 162 8.68 22.70 4.73
N PRO A 163 9.43 23.07 5.81
CA PRO A 163 10.84 22.63 5.84
C PRO A 163 11.00 21.13 5.94
N GLU A 164 10.06 20.42 6.58
CA GLU A 164 10.13 18.94 6.65
C GLU A 164 10.00 18.29 5.27
N VAL A 165 9.11 18.85 4.46
CA VAL A 165 8.94 18.33 3.12
C VAL A 165 10.15 18.72 2.25
N GLU A 166 10.58 19.96 2.40
CA GLU A 166 11.73 20.46 1.66
C GLU A 166 12.98 19.59 1.79
N ARG A 167 13.31 19.25 3.03
CA ARG A 167 14.56 18.57 3.27
C ARG A 167 14.57 17.14 2.75
N VAL A 168 13.47 16.39 2.95
CA VAL A 168 13.39 15.02 2.44
C VAL A 168 13.32 15.07 0.91
N ALA A 169 12.61 16.06 0.36
CA ALA A 169 12.54 16.22 -1.09
C ALA A 169 13.95 16.48 -1.67
N ARG A 170 14.71 17.35 -1.00
CA ARG A 170 16.04 17.65 -1.48
C ARG A 170 16.93 16.38 -1.52
N VAL A 171 16.81 15.51 -0.50
CA VAL A 171 17.59 14.26 -0.49
C VAL A 171 17.20 13.40 -1.71
N ALA A 172 15.90 13.33 -2.00
CA ALA A 172 15.41 12.56 -3.15
C ALA A 172 15.99 13.11 -4.48
N PHE A 173 15.96 14.44 -4.64
CA PHE A 173 16.53 15.04 -5.83
C PHE A 173 18.01 14.80 -5.97
N GLU A 174 18.76 14.89 -4.84
CA GLU A 174 20.21 14.66 -4.87
C GLU A 174 20.54 13.19 -5.21
N ALA A 175 19.73 12.28 -4.68
CA ALA A 175 19.90 10.84 -4.95
C ALA A 175 19.60 10.55 -6.40
N ALA A 176 18.58 11.21 -6.96
CA ALA A 176 18.17 10.98 -8.34
C ALA A 176 19.25 11.48 -9.27
N ARG A 177 19.85 12.62 -8.89
CA ARG A 177 20.91 13.24 -9.72
C ARG A 177 22.09 12.27 -9.91
N LYS A 178 22.35 11.45 -8.91
CA LYS A 178 23.41 10.44 -8.95
C LYS A 178 22.92 9.11 -9.54
N ARG A 179 21.62 8.99 -9.77
CA ARG A 179 21.08 7.75 -10.32
C ARG A 179 20.59 7.93 -11.75
N ARG A 180 19.28 7.93 -11.98
CA ARG A 180 18.77 8.04 -13.34
C ARG A 180 17.99 9.32 -13.62
N LYS A 181 18.17 10.26 -12.70
CA LYS A 181 17.59 11.61 -12.78
C LYS A 181 16.09 11.59 -12.97
N HIS A 182 15.43 10.81 -12.13
CA HIS A 182 13.99 10.74 -12.18
C HIS A 182 13.40 10.51 -10.78
N VAL A 183 12.52 11.42 -10.38
CA VAL A 183 11.83 11.30 -9.11
C VAL A 183 10.31 11.18 -9.34
N VAL A 184 9.69 10.24 -8.64
CA VAL A 184 8.25 10.19 -8.56
C VAL A 184 7.95 10.57 -7.11
N SER A 185 7.15 11.62 -6.92
CA SER A 185 6.70 12.01 -5.57
C SER A 185 5.29 11.41 -5.39
N VAL A 186 5.03 10.85 -4.20
CA VAL A 186 3.79 10.11 -3.97
C VAL A 186 2.95 10.73 -2.85
N ASP A 187 1.68 11.00 -3.12
CA ASP A 187 0.80 11.60 -2.13
C ASP A 187 -0.66 11.15 -2.33
N LYS A 188 -1.58 11.75 -1.55
CA LYS A 188 -3.00 11.55 -1.82
C LYS A 188 -3.60 12.96 -1.93
N ALA A 189 -3.04 13.77 -2.83
CA ALA A 189 -3.41 15.17 -2.98
C ALA A 189 -4.82 15.40 -3.53
N ASN A 190 -5.41 14.41 -4.20
CA ASN A 190 -6.80 14.55 -4.65
C ASN A 190 -7.81 14.46 -3.51
N VAL A 191 -7.37 14.05 -2.33
CA VAL A 191 -8.28 13.85 -1.22
C VAL A 191 -7.85 14.69 0.01
N LEU A 192 -6.55 14.83 0.20
CA LEU A 192 -6.06 15.48 1.42
C LEU A 192 -5.26 16.77 1.26
N GLU A 193 -5.51 17.72 2.17
CA GLU A 193 -4.76 18.96 2.27
C GLU A 193 -3.25 18.70 2.39
N VAL A 194 -2.87 17.72 3.22
CA VAL A 194 -1.46 17.40 3.43
C VAL A 194 -0.83 16.93 2.15
N GLY A 195 -1.58 16.18 1.36
CA GLY A 195 -1.12 15.71 0.06
C GLY A 195 -0.92 16.91 -0.83
N GLU A 196 -1.89 17.81 -0.84
CA GLU A 196 -1.76 19.02 -1.63
C GLU A 196 -0.49 19.82 -1.31
N PHE A 197 -0.27 20.01 -0.02
CA PHE A 197 0.83 20.77 0.54
C PHE A 197 2.13 20.03 0.18
N TRP A 198 2.13 18.71 0.36
CA TRP A 198 3.29 17.89 0.00
C TRP A 198 3.69 18.15 -1.46
N ARG A 199 2.73 17.99 -2.37
CA ARG A 199 3.00 18.13 -3.80
C ARG A 199 3.51 19.52 -4.24
N LYS A 200 2.91 20.54 -3.64
CA LYS A 200 3.21 21.94 -3.92
C LYS A 200 4.70 22.20 -3.56
N THR A 201 5.10 21.76 -2.38
CA THR A 201 6.46 21.96 -1.89
C THR A 201 7.45 21.10 -2.66
N VAL A 202 7.11 19.85 -2.96
CA VAL A 202 8.04 19.04 -3.75
C VAL A 202 8.23 19.68 -5.14
N GLU A 203 7.14 20.17 -5.71
CA GLU A 203 7.23 20.84 -7.02
C GLU A 203 8.19 22.07 -6.98
N GLU A 204 8.13 22.85 -5.90
CA GLU A 204 9.00 24.04 -5.71
C GLU A 204 10.46 23.61 -5.58
N VAL A 205 10.70 22.61 -4.73
CA VAL A 205 12.06 22.10 -4.59
C VAL A 205 12.58 21.64 -5.97
N GLY A 206 11.68 21.04 -6.78
CA GLY A 206 12.00 20.52 -8.10
C GLY A 206 12.54 21.58 -9.03
N ARG A 207 12.09 22.82 -8.84
CA ARG A 207 12.61 23.94 -9.65
C ARG A 207 14.11 24.11 -9.47
N GLY A 208 14.64 23.74 -8.28
CA GLY A 208 16.09 23.82 -8.06
C GLY A 208 16.89 22.74 -8.80
N TYR A 209 16.19 21.73 -9.31
CA TYR A 209 16.76 20.58 -10.02
C TYR A 209 16.11 20.37 -11.41
N PRO A 210 16.30 21.30 -12.36
CA PRO A 210 15.67 21.13 -13.67
C PRO A 210 16.25 19.94 -14.51
N ASP A 211 17.40 19.42 -14.09
CA ASP A 211 18.02 18.26 -14.74
C ASP A 211 17.38 16.88 -14.30
N VAL A 212 16.49 16.94 -13.33
CA VAL A 212 15.82 15.74 -12.80
C VAL A 212 14.34 15.81 -13.14
N ALA A 213 13.86 14.78 -13.83
CA ALA A 213 12.43 14.67 -14.18
C ALA A 213 11.58 14.41 -12.93
N LEU A 214 10.49 15.18 -12.77
CA LEU A 214 9.61 15.04 -11.61
C LEU A 214 8.21 14.70 -12.07
N GLU A 215 7.69 13.65 -11.46
CA GLU A 215 6.39 13.10 -11.75
C GLU A 215 5.67 12.90 -10.41
N HIS A 216 4.35 13.09 -10.38
CA HIS A 216 3.59 12.88 -9.14
C HIS A 216 2.65 11.72 -9.32
N GLN A 217 2.50 10.92 -8.28
CA GLN A 217 1.57 9.79 -8.33
C GLN A 217 0.79 9.70 -7.03
N TYR A 218 -0.48 9.33 -7.16
CA TYR A 218 -1.33 9.07 -6.01
C TYR A 218 -0.85 7.74 -5.41
N VAL A 219 -0.93 7.60 -4.09
CA VAL A 219 -0.37 6.42 -3.41
C VAL A 219 -1.01 5.08 -3.80
N ASP A 220 -2.31 5.09 -4.04
CA ASP A 220 -3.04 3.88 -4.42
C ASP A 220 -2.57 3.47 -5.83
N ALA A 221 -2.47 4.43 -6.73
CA ALA A 221 -2.02 4.14 -8.09
C ALA A 221 -0.53 3.68 -8.02
N MET A 222 0.25 4.30 -7.13
CA MET A 222 1.66 3.93 -7.00
C MET A 222 1.85 2.47 -6.55
N ALA A 223 1.02 1.98 -5.63
CA ALA A 223 1.14 0.59 -5.17
C ALA A 223 0.99 -0.37 -6.35
N MET A 224 0.07 0.01 -7.22
CA MET A 224 -0.27 -0.71 -8.40
C MET A 224 0.89 -0.69 -9.43
N HIS A 225 1.46 0.49 -9.63
CA HIS A 225 2.61 0.64 -10.53
C HIS A 225 3.83 -0.15 -10.07
N LEU A 226 4.03 -0.19 -8.76
CA LEU A 226 5.17 -0.93 -8.21
C LEU A 226 5.07 -2.40 -8.52
N VAL A 227 3.88 -2.87 -8.88
CA VAL A 227 3.69 -4.26 -9.25
C VAL A 227 3.59 -4.45 -10.76
N ARG A 228 2.99 -3.53 -11.48
CA ARG A 228 2.83 -3.76 -12.91
C ARG A 228 4.06 -3.37 -13.72
N SER A 229 4.70 -2.25 -13.37
CA SER A 229 5.85 -1.74 -14.09
C SER A 229 6.93 -1.14 -13.15
N PRO A 230 7.42 -1.94 -12.16
CA PRO A 230 8.43 -1.38 -11.24
C PRO A 230 9.75 -0.94 -11.92
N ALA A 231 10.11 -1.58 -13.03
CA ALA A 231 11.38 -1.23 -13.72
C ALA A 231 11.42 0.21 -14.21
N ARG A 232 10.28 0.91 -14.23
CA ARG A 232 10.33 2.24 -14.82
C ARG A 232 10.62 3.33 -13.81
N PHE A 233 10.76 2.93 -12.54
CA PHE A 233 11.06 3.86 -11.47
C PHE A 233 12.52 3.96 -11.11
N ASP A 234 12.91 5.17 -10.77
CA ASP A 234 14.26 5.41 -10.29
C ASP A 234 14.10 5.76 -8.79
N VAL A 235 13.87 7.03 -8.47
CA VAL A 235 13.69 7.46 -7.06
C VAL A 235 12.19 7.73 -6.81
N VAL A 236 11.72 7.32 -5.64
CA VAL A 236 10.35 7.52 -5.20
C VAL A 236 10.45 8.22 -3.84
N VAL A 237 9.79 9.37 -3.70
CA VAL A 237 9.86 10.10 -2.43
C VAL A 237 8.45 10.24 -1.89
N THR A 238 8.27 9.92 -0.63
CA THR A 238 6.95 10.03 -0.01
C THR A 238 7.04 10.25 1.52
N GLY A 239 5.88 10.43 2.14
CA GLY A 239 5.80 10.68 3.58
C GLY A 239 5.96 9.39 4.38
N ASN A 240 5.87 9.50 5.69
CA ASN A 240 6.22 8.40 6.60
C ASN A 240 5.41 7.12 6.42
N ILE A 241 4.09 7.21 6.55
CA ILE A 241 3.28 6.01 6.44
C ILE A 241 3.20 5.48 5.01
N PHE A 242 3.14 6.37 4.03
CA PHE A 242 3.12 5.90 2.63
C PHE A 242 4.45 5.21 2.27
N GLY A 243 5.55 5.71 2.85
CA GLY A 243 6.88 5.14 2.56
C GLY A 243 6.97 3.79 3.25
N ASP A 244 6.42 3.69 4.44
CA ASP A 244 6.40 2.43 5.19
C ASP A 244 5.70 1.36 4.35
N ILE A 245 4.50 1.68 3.86
CA ILE A 245 3.75 0.74 3.07
C ILE A 245 4.41 0.33 1.76
N LEU A 246 4.78 1.32 0.96
CA LEU A 246 5.37 1.07 -0.35
C LEU A 246 6.71 0.37 -0.29
N SER A 247 7.54 0.70 0.71
CA SER A 247 8.82 0.00 0.87
C SER A 247 8.61 -1.48 1.26
N ASP A 248 7.56 -1.82 2.00
CA ASP A 248 7.33 -3.26 2.24
C ASP A 248 6.88 -3.94 0.92
N LEU A 249 6.00 -3.27 0.19
CA LEU A 249 5.51 -3.75 -1.10
C LEU A 249 6.68 -3.97 -2.04
N ALA A 250 7.57 -2.98 -2.16
CA ALA A 250 8.76 -3.16 -3.05
C ALA A 250 9.65 -4.35 -2.65
N SER A 251 9.58 -4.67 -1.37
CA SER A 251 10.41 -5.71 -0.79
C SER A 251 10.17 -7.02 -1.46
N VAL A 252 8.94 -7.24 -1.97
CA VAL A 252 8.59 -8.48 -2.65
C VAL A 252 9.19 -8.60 -4.01
N LEU A 253 9.59 -7.50 -4.62
CA LEU A 253 10.12 -7.61 -5.96
C LEU A 253 11.30 -8.56 -6.02
N PRO A 254 12.36 -8.31 -5.21
CA PRO A 254 13.46 -9.33 -5.21
C PRO A 254 12.99 -10.72 -4.82
N GLY A 255 11.82 -10.80 -4.17
CA GLY A 255 11.23 -12.10 -3.80
C GLY A 255 11.20 -12.43 -2.32
N SER A 256 11.62 -11.50 -1.49
CA SER A 256 11.63 -11.73 -0.04
C SER A 256 11.91 -10.52 0.81
N LEU A 257 11.37 -10.56 2.03
CA LEU A 257 11.56 -9.41 2.94
C LEU A 257 12.96 -9.37 3.60
N GLY A 258 13.60 -10.53 3.74
CA GLY A 258 14.95 -10.62 4.33
C GLY A 258 16.06 -10.09 3.41
N LEU A 259 15.67 -9.44 2.32
CA LEU A 259 16.64 -8.90 1.38
C LEU A 259 16.86 -7.37 1.47
N LEU A 260 15.86 -6.62 1.93
CA LEU A 260 15.97 -5.15 1.91
C LEU A 260 16.73 -4.50 3.02
N PRO A 261 17.81 -3.78 2.65
CA PRO A 261 18.58 -3.03 3.61
C PRO A 261 17.99 -1.61 3.70
N SER A 262 18.50 -0.81 4.63
CA SER A 262 18.03 0.58 4.71
C SER A 262 19.08 1.48 5.35
N ALA A 263 18.99 2.77 5.05
CA ALA A 263 19.86 3.79 5.64
C ALA A 263 18.95 4.90 6.16
N SER A 264 19.27 5.41 7.34
CA SER A 264 18.50 6.53 7.90
C SER A 264 19.48 7.66 8.12
N LEU A 265 19.29 8.75 7.37
CA LEU A 265 20.23 9.87 7.31
C LEU A 265 19.58 11.18 7.68
N GLY A 266 20.34 12.04 8.36
CA GLY A 266 19.86 13.37 8.72
C GLY A 266 20.95 14.13 9.48
N ARG A 267 20.55 14.75 10.58
CA ARG A 267 21.45 15.59 11.36
C ARG A 267 22.45 14.85 12.24
N GLY A 268 22.02 13.75 12.88
CA GLY A 268 22.89 13.02 13.79
C GLY A 268 23.49 11.77 13.21
N THR A 269 23.78 10.81 14.11
CA THR A 269 24.42 9.56 13.74
C THR A 269 23.54 8.73 12.85
N PRO A 270 24.00 8.48 11.59
CA PRO A 270 23.21 7.69 10.66
C PRO A 270 23.03 6.23 11.14
N VAL A 271 21.86 5.67 10.85
CA VAL A 271 21.47 4.34 11.27
C VAL A 271 21.27 3.41 10.08
N PHE A 272 21.77 2.19 10.17
CA PHE A 272 21.65 1.25 9.04
C PHE A 272 20.97 0.02 9.63
N GLU A 273 19.82 -0.39 9.07
CA GLU A 273 19.06 -1.51 9.59
C GLU A 273 18.33 -2.31 8.50
N PRO A 274 18.30 -3.63 8.65
CA PRO A 274 17.53 -4.49 7.72
C PRO A 274 16.06 -4.10 7.86
N VAL A 275 15.32 -4.01 6.74
CA VAL A 275 13.92 -3.59 6.83
C VAL A 275 13.06 -4.54 7.69
N HIS A 276 13.29 -5.85 7.57
CA HIS A 276 12.50 -6.86 8.30
C HIS A 276 12.41 -6.68 9.84
N GLY A 277 11.44 -7.34 10.45
CA GLY A 277 11.26 -7.26 11.89
C GLY A 277 12.09 -8.35 12.59
N SER A 278 11.69 -8.69 13.81
CA SER A 278 12.47 -9.60 14.63
C SER A 278 12.19 -11.08 14.47
N ALA A 279 11.19 -11.41 13.64
CA ALA A 279 10.83 -12.80 13.34
C ALA A 279 11.04 -13.73 14.55
N PRO A 280 10.26 -13.52 15.63
CA PRO A 280 10.40 -14.29 16.89
C PRO A 280 10.28 -15.79 16.67
N ASP A 281 9.38 -16.16 15.76
CA ASP A 281 9.14 -17.56 15.37
C ASP A 281 10.40 -18.35 14.95
N ILE A 282 11.37 -17.68 14.31
CA ILE A 282 12.60 -18.35 13.85
C ILE A 282 13.92 -17.98 14.55
N ALA A 283 13.85 -17.12 15.57
CA ALA A 283 15.05 -16.75 16.31
C ALA A 283 15.77 -17.94 16.95
N GLY A 284 17.10 -17.91 16.83
CA GLY A 284 17.99 -18.94 17.36
C GLY A 284 17.89 -20.26 16.64
N LYS A 285 17.37 -20.25 15.41
CA LYS A 285 17.18 -21.51 14.70
C LYS A 285 18.10 -21.65 13.50
N GLY A 286 19.05 -20.72 13.42
CA GLY A 286 20.08 -20.68 12.40
C GLY A 286 19.63 -20.60 10.95
N ILE A 287 18.45 -20.03 10.70
CA ILE A 287 17.94 -19.95 9.32
C ILE A 287 17.67 -18.55 8.76
N ALA A 288 17.56 -17.54 9.64
CA ALA A 288 17.27 -16.19 9.18
C ALA A 288 18.19 -15.79 8.03
N ASN A 289 17.61 -15.22 6.97
CA ASN A 289 18.39 -14.73 5.85
C ASN A 289 19.10 -13.44 6.30
N PRO A 290 20.45 -13.43 6.30
CA PRO A 290 21.18 -12.25 6.78
C PRO A 290 21.51 -11.24 5.69
N THR A 291 20.94 -11.44 4.51
CA THR A 291 21.21 -10.57 3.41
C THR A 291 20.89 -9.10 3.72
N ALA A 292 19.72 -8.84 4.32
CA ALA A 292 19.33 -7.46 4.59
C ALA A 292 20.34 -6.82 5.51
N ALA A 293 20.71 -7.50 6.58
CA ALA A 293 21.67 -6.97 7.51
C ALA A 293 23.02 -6.72 6.84
N ILE A 294 23.52 -7.69 6.08
CA ILE A 294 24.78 -7.56 5.35
C ILE A 294 24.78 -6.33 4.42
N LEU A 295 23.73 -6.18 3.63
CA LEU A 295 23.62 -5.08 2.69
C LEU A 295 23.43 -3.74 3.42
N SER A 296 22.91 -3.77 4.66
CA SER A 296 22.79 -2.56 5.48
C SER A 296 24.20 -2.16 5.92
N ALA A 297 25.04 -3.15 6.28
CA ALA A 297 26.44 -2.88 6.63
C ALA A 297 27.08 -2.29 5.36
N ALA A 298 26.71 -2.79 4.19
CA ALA A 298 27.20 -2.24 2.92
C ALA A 298 26.72 -0.78 2.80
N MET A 299 25.45 -0.51 3.04
CA MET A 299 25.00 0.89 3.00
C MET A 299 25.77 1.79 3.98
N MET A 300 26.14 1.25 5.13
CA MET A 300 26.90 2.02 6.15
C MET A 300 28.27 2.42 5.61
N LEU A 301 28.91 1.46 4.96
CA LEU A 301 30.22 1.70 4.33
C LEU A 301 30.11 2.85 3.34
N GLU A 302 29.10 2.79 2.46
CA GLU A 302 28.98 3.84 1.47
C GLU A 302 28.60 5.19 2.07
N HIS A 303 27.50 5.22 2.81
CA HIS A 303 26.92 6.49 3.26
C HIS A 303 27.56 7.11 4.48
N ALA A 304 27.97 6.29 5.43
CA ALA A 304 28.56 6.85 6.64
C ALA A 304 30.07 7.01 6.49
N PHE A 305 30.70 6.12 5.75
CA PHE A 305 32.17 6.16 5.65
C PHE A 305 32.76 6.53 4.30
N GLY A 306 31.89 6.67 3.28
CA GLY A 306 32.32 7.07 1.92
C GLY A 306 33.07 5.96 1.19
N LEU A 307 32.84 4.70 1.57
CA LEU A 307 33.56 3.62 0.92
C LEU A 307 32.65 2.92 -0.09
N VAL A 308 32.35 3.67 -1.15
CA VAL A 308 31.47 3.23 -2.24
C VAL A 308 31.95 1.91 -2.86
N GLU A 309 33.23 1.84 -3.20
CA GLU A 309 33.80 0.65 -3.86
C GLU A 309 33.61 -0.60 -3.01
N LEU A 310 33.97 -0.49 -1.73
CA LEU A 310 33.76 -1.57 -0.77
C LEU A 310 32.29 -2.02 -0.64
N ALA A 311 31.36 -1.06 -0.56
CA ALA A 311 29.92 -1.35 -0.50
C ALA A 311 29.49 -2.21 -1.70
N ARG A 312 29.99 -1.87 -2.88
CA ARG A 312 29.71 -2.64 -4.07
C ARG A 312 30.30 -4.06 -4.09
N LYS A 313 31.50 -4.22 -3.53
CA LYS A 313 32.09 -5.55 -3.42
C LYS A 313 31.16 -6.44 -2.58
N VAL A 314 30.69 -5.92 -1.46
CA VAL A 314 29.78 -6.66 -0.57
C VAL A 314 28.50 -7.01 -1.31
N GLU A 315 27.91 -6.03 -1.99
CA GLU A 315 26.70 -6.23 -2.75
C GLU A 315 26.91 -7.32 -3.82
N ASP A 316 28.05 -7.27 -4.51
CA ASP A 316 28.37 -8.24 -5.58
C ASP A 316 28.52 -9.66 -4.99
N ALA A 317 29.20 -9.74 -3.84
CA ALA A 317 29.39 -10.99 -3.11
C ALA A 317 28.05 -11.57 -2.66
N VAL A 318 27.18 -10.71 -2.13
CA VAL A 318 25.86 -11.15 -1.66
C VAL A 318 25.02 -11.68 -2.82
N ALA A 319 25.03 -10.97 -3.94
CA ALA A 319 24.33 -11.36 -5.15
C ALA A 319 24.79 -12.73 -5.65
N LYS A 320 26.09 -12.99 -5.59
CA LYS A 320 26.61 -14.30 -6.02
C LYS A 320 26.18 -15.40 -5.05
N ALA A 321 26.19 -15.05 -3.75
CA ALA A 321 25.81 -15.98 -2.70
C ALA A 321 24.33 -16.36 -2.82
N LEU A 322 23.49 -15.39 -3.18
CA LEU A 322 22.08 -15.65 -3.42
C LEU A 322 21.86 -16.58 -4.62
N LEU A 323 22.68 -16.44 -5.66
CA LEU A 323 22.56 -17.29 -6.85
C LEU A 323 23.12 -18.67 -6.57
N GLU A 324 24.18 -18.74 -5.78
CA GLU A 324 24.89 -19.99 -5.51
C GLU A 324 24.20 -20.86 -4.47
N THR A 325 24.09 -20.36 -3.23
CA THR A 325 23.45 -21.08 -2.09
C THR A 325 22.40 -20.21 -1.37
N PRO A 326 21.17 -20.13 -1.92
CA PRO A 326 20.15 -19.28 -1.28
C PRO A 326 19.70 -19.82 0.08
N PRO A 327 19.26 -18.92 0.98
CA PRO A 327 18.72 -19.32 2.27
C PRO A 327 17.38 -20.02 2.05
N PRO A 328 16.75 -20.51 3.14
CA PRO A 328 15.46 -21.17 2.97
C PRO A 328 14.34 -20.28 2.45
N ASP A 329 14.31 -19.00 2.83
CA ASP A 329 13.22 -18.11 2.37
C ASP A 329 13.23 -17.86 0.83
N LEU A 330 14.27 -18.35 0.14
CA LEU A 330 14.33 -18.29 -1.31
C LEU A 330 14.44 -19.70 -1.87
N GLY A 331 13.85 -20.66 -1.14
CA GLY A 331 13.81 -22.07 -1.55
C GLY A 331 15.12 -22.81 -1.44
N GLY A 332 16.07 -22.26 -0.69
CA GLY A 332 17.36 -22.94 -0.58
C GLY A 332 17.53 -23.59 0.78
N SER A 333 18.65 -24.27 0.98
CA SER A 333 18.90 -24.90 2.26
C SER A 333 20.07 -24.29 3.06
N ALA A 334 20.57 -23.13 2.61
CA ALA A 334 21.72 -22.52 3.26
C ALA A 334 21.34 -21.79 4.56
N GLY A 335 21.87 -22.29 5.67
CA GLY A 335 21.66 -21.69 6.99
C GLY A 335 22.35 -20.33 7.08
N THR A 336 22.04 -19.58 8.12
CA THR A 336 22.61 -18.26 8.27
C THR A 336 24.14 -18.29 8.22
N GLU A 337 24.72 -19.26 8.93
CA GLU A 337 26.17 -19.42 9.00
C GLU A 337 26.78 -19.75 7.66
N ALA A 338 26.20 -20.73 6.98
CA ALA A 338 26.69 -21.15 5.68
C ALA A 338 26.49 -20.05 4.61
N PHE A 339 25.38 -19.33 4.65
CA PHE A 339 25.20 -18.27 3.68
C PHE A 339 26.27 -17.17 3.86
N THR A 340 26.59 -16.86 5.11
CA THR A 340 27.59 -15.84 5.40
C THR A 340 28.97 -16.29 4.93
N ALA A 341 29.26 -17.58 5.07
CA ALA A 341 30.54 -18.09 4.62
C ALA A 341 30.63 -17.96 3.10
N THR A 342 29.54 -18.24 2.39
CA THR A 342 29.48 -18.11 0.92
C THR A 342 29.79 -16.66 0.52
N VAL A 343 29.15 -15.70 1.18
CA VAL A 343 29.42 -14.28 0.95
C VAL A 343 30.90 -14.02 1.17
N LEU A 344 31.46 -14.60 2.23
CA LEU A 344 32.89 -14.44 2.54
C LEU A 344 33.85 -14.92 1.46
N ARG A 345 33.57 -16.09 0.88
CA ARG A 345 34.42 -16.62 -0.19
C ARG A 345 34.42 -15.71 -1.42
N HIS A 346 33.26 -15.18 -1.79
CA HIS A 346 33.19 -14.29 -2.94
C HIS A 346 33.96 -12.99 -2.69
N LEU A 347 33.83 -12.44 -1.49
CA LEU A 347 34.60 -11.25 -1.11
C LEU A 347 36.08 -11.49 -1.34
N ALA A 348 36.51 -12.73 -1.23
CA ALA A 348 37.90 -13.08 -1.55
C ALA A 348 38.08 -13.11 -3.08
N ALA A 349 38.24 -12.06 -3.72
N SER B 3 -40.23 -3.59 -7.56
CA SER B 3 -39.49 -3.48 -8.88
C SER B 3 -38.00 -3.08 -8.70
N MET B 4 -37.46 -2.32 -9.67
CA MET B 4 -36.02 -1.97 -9.66
C MET B 4 -35.74 -0.52 -10.11
N LYS B 5 -35.70 0.39 -9.14
CA LYS B 5 -35.52 1.82 -9.42
C LYS B 5 -34.05 2.23 -9.26
N VAL B 6 -33.44 2.57 -10.40
CA VAL B 6 -32.01 2.92 -10.44
C VAL B 6 -31.72 4.34 -10.91
N ALA B 7 -30.81 5.00 -10.20
CA ALA B 7 -30.29 6.33 -10.59
C ALA B 7 -28.93 6.09 -11.23
N VAL B 8 -28.78 6.52 -12.47
CA VAL B 8 -27.58 6.29 -13.27
C VAL B 8 -26.79 7.58 -13.47
N LEU B 9 -25.55 7.56 -13.02
CA LEU B 9 -24.61 8.68 -13.05
C LEU B 9 -23.38 8.34 -13.89
N PRO B 10 -23.47 8.47 -15.24
CA PRO B 10 -22.39 8.13 -16.20
C PRO B 10 -21.05 8.79 -15.91
N GLY B 11 -21.05 10.06 -15.56
CA GLY B 11 -19.80 10.75 -15.24
C GLY B 11 -19.01 11.20 -16.46
N ASP B 12 -17.69 11.20 -16.33
CA ASP B 12 -16.78 11.76 -17.36
C ASP B 12 -15.92 10.70 -18.03
N GLY B 13 -15.25 11.09 -19.13
CA GLY B 13 -14.36 10.18 -19.87
C GLY B 13 -15.05 8.92 -20.39
N ILE B 14 -14.54 7.75 -19.99
CA ILE B 14 -15.11 6.45 -20.40
C ILE B 14 -16.34 6.08 -19.58
N GLY B 15 -16.60 6.81 -18.50
CA GLY B 15 -17.76 6.60 -17.67
C GLY B 15 -19.06 6.33 -18.45
N PRO B 16 -19.48 7.24 -19.35
CA PRO B 16 -20.71 6.99 -20.12
C PRO B 16 -20.70 5.72 -20.98
N GLU B 17 -19.56 5.44 -21.61
CA GLU B 17 -19.46 4.25 -22.48
C GLU B 17 -19.61 2.95 -21.67
N VAL B 18 -18.80 2.81 -20.61
CA VAL B 18 -18.78 1.61 -19.76
C VAL B 18 -20.11 1.47 -19.02
N THR B 19 -20.69 2.60 -18.67
CA THR B 19 -21.98 2.62 -18.01
C THR B 19 -23.02 2.12 -19.01
N GLU B 20 -22.95 2.62 -20.25
CA GLU B 20 -23.89 2.18 -21.30
C GLU B 20 -23.80 0.67 -21.51
N ALA B 21 -22.57 0.14 -21.50
CA ALA B 21 -22.30 -1.28 -21.65
C ALA B 21 -23.01 -2.07 -20.54
N ALA B 22 -22.90 -1.58 -19.31
CA ALA B 22 -23.56 -2.18 -18.16
C ALA B 22 -25.10 -2.14 -18.28
N LEU B 23 -25.62 -1.03 -18.78
CA LEU B 23 -27.05 -0.88 -19.04
C LEU B 23 -27.56 -1.91 -20.09
N LYS B 24 -26.76 -2.19 -21.12
CA LYS B 24 -27.14 -3.20 -22.13
C LYS B 24 -27.27 -4.56 -21.45
N VAL B 25 -26.44 -4.80 -20.44
CA VAL B 25 -26.54 -6.06 -19.68
C VAL B 25 -27.81 -6.03 -18.85
N LEU B 26 -28.05 -4.89 -18.21
CA LEU B 26 -29.24 -4.70 -17.39
C LEU B 26 -30.56 -4.76 -18.19
N ARG B 27 -30.59 -4.19 -19.41
CA ARG B 27 -31.81 -4.24 -20.24
C ARG B 27 -32.09 -5.67 -20.65
N ALA B 28 -31.03 -6.39 -21.02
CA ALA B 28 -31.12 -7.76 -21.45
C ALA B 28 -31.79 -8.62 -20.37
N LEU B 29 -31.43 -8.37 -19.12
CA LEU B 29 -31.99 -9.09 -17.98
C LEU B 29 -33.41 -8.64 -17.62
N ASP B 30 -33.69 -7.36 -17.86
CA ASP B 30 -35.02 -6.84 -17.61
C ASP B 30 -35.96 -7.45 -18.65
N GLU B 31 -35.42 -7.65 -19.87
CA GLU B 31 -36.14 -8.30 -20.96
C GLU B 31 -36.36 -9.78 -20.65
N ALA B 32 -35.26 -10.52 -20.56
CA ALA B 32 -35.32 -11.97 -20.31
C ALA B 32 -35.95 -12.39 -18.98
N GLU B 33 -35.87 -11.55 -17.94
CA GLU B 33 -36.44 -11.90 -16.63
C GLU B 33 -37.66 -11.05 -16.22
N GLY B 34 -37.87 -9.91 -16.85
CA GLY B 34 -39.00 -9.01 -16.51
C GLY B 34 -38.77 -8.46 -15.10
N LEU B 35 -37.77 -7.61 -14.95
CA LEU B 35 -37.37 -7.11 -13.63
C LEU B 35 -38.06 -5.84 -13.14
N GLY B 36 -38.79 -5.16 -14.02
CA GLY B 36 -39.45 -3.90 -13.67
C GLY B 36 -38.45 -2.76 -13.54
N LEU B 37 -37.39 -2.83 -14.34
CA LEU B 37 -36.33 -1.83 -14.35
C LEU B 37 -36.82 -0.46 -14.80
N ALA B 38 -36.60 0.52 -13.93
CA ALA B 38 -36.92 1.91 -14.16
C ALA B 38 -35.65 2.65 -13.78
N TYR B 39 -35.15 3.49 -14.67
CA TYR B 39 -33.94 4.24 -14.35
C TYR B 39 -33.91 5.63 -15.00
N GLU B 40 -33.23 6.54 -14.32
CA GLU B 40 -33.10 7.89 -14.81
C GLU B 40 -31.60 8.25 -14.77
N VAL B 41 -31.15 8.99 -15.77
CA VAL B 41 -29.76 9.37 -15.91
C VAL B 41 -29.53 10.74 -15.27
N PHE B 42 -28.49 10.89 -14.45
CA PHE B 42 -28.20 12.19 -13.84
C PHE B 42 -26.78 12.73 -14.09
N PRO B 43 -26.64 14.06 -14.20
CA PRO B 43 -25.32 14.69 -14.37
C PRO B 43 -24.49 14.64 -13.08
N PHE B 44 -23.25 14.18 -13.20
CA PHE B 44 -22.36 14.03 -12.04
C PHE B 44 -20.89 14.26 -12.44
N GLY B 45 -20.05 14.67 -11.47
CA GLY B 45 -18.64 14.89 -11.76
C GLY B 45 -18.41 16.14 -12.59
N GLY B 46 -17.47 16.05 -13.52
CA GLY B 46 -17.13 17.15 -14.42
C GLY B 46 -18.30 17.56 -15.28
N ALA B 47 -19.13 16.58 -15.67
CA ALA B 47 -20.31 16.84 -16.46
C ALA B 47 -21.23 17.78 -15.69
N ALA B 48 -21.40 17.52 -14.38
CA ALA B 48 -22.24 18.35 -13.49
C ALA B 48 -21.63 19.73 -13.29
N ILE B 49 -20.30 19.80 -13.19
CA ILE B 49 -19.59 21.07 -13.07
C ILE B 49 -19.90 21.97 -14.29
N ASP B 50 -19.70 21.48 -15.51
CA ASP B 50 -20.00 22.27 -16.74
C ASP B 50 -21.42 22.88 -16.77
N ALA B 51 -22.42 22.06 -16.42
CA ALA B 51 -23.85 22.43 -16.42
C ALA B 51 -24.42 23.17 -15.18
N PHE B 52 -23.95 22.82 -13.99
CA PHE B 52 -24.43 23.42 -12.72
C PHE B 52 -23.41 24.18 -11.88
N GLY B 53 -22.12 24.04 -12.20
CA GLY B 53 -21.08 24.77 -11.47
C GLY B 53 -20.59 24.03 -10.23
N GLU B 54 -21.05 22.78 -10.07
CA GLU B 54 -20.68 21.89 -8.95
C GLU B 54 -20.81 20.41 -9.39
N PRO B 55 -20.01 19.50 -8.77
CA PRO B 55 -19.97 18.09 -9.22
C PRO B 55 -21.11 17.21 -8.74
N PHE B 56 -21.83 17.69 -7.72
CA PHE B 56 -22.93 16.94 -7.12
C PHE B 56 -24.13 17.87 -6.80
N PRO B 57 -24.81 18.37 -7.87
CA PRO B 57 -25.91 19.33 -7.68
C PRO B 57 -27.19 18.73 -7.08
N GLU B 58 -28.07 19.62 -6.58
CA GLU B 58 -29.38 19.24 -6.05
C GLU B 58 -30.18 18.18 -6.83
N PRO B 59 -30.36 18.35 -8.17
CA PRO B 59 -31.19 17.34 -8.83
C PRO B 59 -30.57 15.93 -8.84
N THR B 60 -29.26 15.85 -8.93
CA THR B 60 -28.58 14.56 -8.89
C THR B 60 -28.70 13.98 -7.47
N ARG B 61 -28.59 14.84 -6.46
CA ARG B 61 -28.75 14.40 -5.07
C ARG B 61 -30.17 13.84 -4.86
N LYS B 62 -31.16 14.56 -5.38
CA LYS B 62 -32.54 14.16 -5.24
C LYS B 62 -32.76 12.80 -5.89
N GLY B 63 -32.25 12.62 -7.10
CA GLY B 63 -32.43 11.36 -7.86
C GLY B 63 -31.79 10.21 -7.10
N VAL B 64 -30.57 10.42 -6.63
CA VAL B 64 -29.90 9.40 -5.84
C VAL B 64 -30.77 8.95 -4.66
N GLU B 65 -31.31 9.91 -3.93
CA GLU B 65 -32.01 9.60 -2.71
C GLU B 65 -33.37 8.95 -2.90
N GLU B 66 -33.95 9.16 -4.08
CA GLU B 66 -35.25 8.59 -4.40
C GLU B 66 -35.10 7.22 -5.07
N ALA B 67 -33.90 6.92 -5.57
CA ALA B 67 -33.67 5.63 -6.22
C ALA B 67 -33.29 4.58 -5.17
N GLU B 68 -33.31 3.30 -5.57
CA GLU B 68 -32.98 2.17 -4.70
C GLU B 68 -31.51 1.80 -4.81
N ALA B 69 -30.88 2.23 -5.90
CA ALA B 69 -29.48 1.98 -6.17
C ALA B 69 -28.96 2.96 -7.20
N VAL B 70 -27.66 3.24 -7.11
CA VAL B 70 -26.98 4.11 -8.05
C VAL B 70 -25.99 3.28 -8.87
N LEU B 71 -26.00 3.48 -10.19
CA LEU B 71 -25.01 2.87 -11.05
C LEU B 71 -24.21 4.07 -11.51
N LEU B 72 -22.99 4.18 -11.01
CA LEU B 72 -22.12 5.30 -11.29
C LEU B 72 -20.99 4.86 -12.22
N GLY B 73 -20.61 5.69 -13.18
CA GLY B 73 -19.48 5.40 -14.04
C GLY B 73 -18.20 5.88 -13.34
N SER B 74 -17.59 6.91 -13.89
CA SER B 74 -16.37 7.45 -13.28
C SER B 74 -16.37 8.96 -13.42
N VAL B 75 -15.48 9.61 -12.67
CA VAL B 75 -15.39 11.06 -12.71
C VAL B 75 -13.93 11.54 -12.84
N GLY B 76 -13.77 12.82 -13.19
CA GLY B 76 -12.43 13.40 -13.31
C GLY B 76 -11.97 13.56 -14.74
N GLY B 77 -10.95 14.39 -14.91
CA GLY B 77 -10.37 14.65 -16.23
C GLY B 77 -9.53 15.91 -16.19
N PRO B 78 -8.59 16.05 -17.16
CA PRO B 78 -7.65 17.19 -17.25
C PRO B 78 -8.35 18.54 -17.35
N LYS B 79 -9.52 18.55 -18.00
CA LYS B 79 -10.32 19.75 -18.12
C LYS B 79 -10.59 20.37 -16.74
N TRP B 80 -10.77 19.56 -15.70
CA TRP B 80 -11.07 20.09 -14.36
C TRP B 80 -9.88 20.20 -13.37
N ASP B 81 -8.67 19.87 -13.83
CA ASP B 81 -7.48 20.08 -12.99
C ASP B 81 -7.37 21.61 -12.85
N GLY B 82 -6.70 22.08 -11.81
CA GLY B 82 -6.58 23.54 -11.67
C GLY B 82 -7.63 24.09 -10.73
N LEU B 83 -8.84 23.51 -10.77
CA LEU B 83 -9.90 23.93 -9.84
C LEU B 83 -9.45 23.55 -8.45
N PRO B 84 -9.92 24.28 -7.43
CA PRO B 84 -9.50 23.87 -6.10
C PRO B 84 -9.96 22.42 -5.82
N ARG B 85 -9.13 21.68 -5.10
CA ARG B 85 -9.44 20.33 -4.70
C ARG B 85 -10.88 20.23 -4.22
N LYS B 86 -11.32 21.20 -3.43
CA LYS B 86 -12.67 21.17 -2.85
C LYS B 86 -13.86 21.15 -3.78
N ILE B 87 -13.66 21.56 -5.03
CA ILE B 87 -14.77 21.59 -5.98
C ILE B 87 -14.45 20.66 -7.16
N ARG B 88 -13.55 19.68 -6.95
CA ARG B 88 -13.14 18.70 -7.98
CA ARG B 88 -13.17 18.73 -8.01
C ARG B 88 -14.25 17.67 -8.20
N PRO B 89 -14.20 16.95 -9.33
CA PRO B 89 -15.15 15.86 -9.54
C PRO B 89 -14.92 14.77 -8.49
N GLU B 90 -13.64 14.51 -8.17
CA GLU B 90 -13.29 13.54 -7.12
C GLU B 90 -13.94 13.87 -5.75
N THR B 91 -14.09 15.15 -5.44
CA THR B 91 -14.74 15.59 -4.20
C THR B 91 -16.22 15.33 -4.26
N GLY B 92 -16.84 15.58 -5.42
CA GLY B 92 -18.26 15.25 -5.62
C GLY B 92 -18.51 13.77 -5.36
N LEU B 93 -17.57 12.95 -5.66
CA LEU B 93 -17.65 11.52 -5.40
C LEU B 93 -17.64 11.29 -3.89
N LEU B 94 -16.71 11.94 -3.18
CA LEU B 94 -16.69 11.86 -1.72
C LEU B 94 -18.02 12.37 -1.11
N SER B 95 -18.60 13.44 -1.67
CA SER B 95 -19.87 13.98 -1.17
C SER B 95 -21.00 13.01 -1.38
N LEU B 96 -21.00 12.33 -2.52
CA LEU B 96 -22.01 11.33 -2.76
C LEU B 96 -21.95 10.25 -1.67
N ARG B 97 -20.78 9.69 -1.50
CA ARG B 97 -20.54 8.67 -0.48
C ARG B 97 -20.96 9.13 0.94
N LYS B 98 -20.47 10.30 1.37
CA LYS B 98 -20.81 10.87 2.67
C LYS B 98 -22.32 11.11 2.86
N SER B 99 -22.98 11.71 1.87
CA SER B 99 -24.42 12.00 1.99
C SER B 99 -25.30 10.74 2.19
N GLN B 100 -24.85 9.61 1.63
CA GLN B 100 -25.61 8.40 1.80
C GLN B 100 -24.99 7.57 2.92
N ASP B 101 -24.03 8.17 3.62
CA ASP B 101 -23.30 7.47 4.68
C ASP B 101 -23.04 6.00 4.30
N LEU B 102 -22.35 5.79 3.17
CA LEU B 102 -22.07 4.44 2.68
C LEU B 102 -20.74 4.06 3.25
N PHE B 103 -20.78 3.61 4.50
CA PHE B 103 -19.58 3.33 5.25
C PHE B 103 -18.85 2.07 4.81
N ALA B 104 -19.52 1.16 4.13
CA ALA B 104 -18.86 -0.08 3.70
C ALA B 104 -18.61 -0.17 2.19
N ASN B 105 -17.34 -0.17 1.81
CA ASN B 105 -16.94 -0.34 0.43
C ASN B 105 -16.42 -1.78 0.19
N LEU B 106 -17.12 -2.52 -0.67
CA LEU B 106 -16.74 -3.87 -1.01
C LEU B 106 -16.09 -3.92 -2.38
N ARG B 107 -14.85 -4.37 -2.41
CA ARG B 107 -14.07 -4.50 -3.65
C ARG B 107 -13.59 -5.95 -3.80
N PRO B 108 -14.25 -6.76 -4.68
CA PRO B 108 -13.79 -8.13 -4.84
C PRO B 108 -12.74 -8.26 -5.95
N ALA B 109 -11.52 -8.54 -5.54
CA ALA B 109 -10.45 -8.80 -6.48
C ALA B 109 -10.42 -10.30 -6.65
N LYS B 110 -10.69 -10.77 -7.86
CA LYS B 110 -10.74 -12.19 -8.14
C LYS B 110 -9.96 -12.51 -9.43
N VAL B 111 -9.28 -13.66 -9.47
CA VAL B 111 -8.63 -14.12 -10.70
C VAL B 111 -9.49 -15.30 -11.14
N PHE B 112 -10.25 -15.10 -12.22
CA PHE B 112 -11.12 -16.15 -12.76
C PHE B 112 -10.28 -17.33 -13.28
N PRO B 113 -10.73 -18.57 -13.01
CA PRO B 113 -10.05 -19.81 -13.46
C PRO B 113 -9.77 -19.83 -14.97
N GLY B 114 -8.50 -19.84 -15.33
CA GLY B 114 -8.07 -19.85 -16.72
C GLY B 114 -7.38 -18.55 -17.14
N LEU B 115 -7.60 -17.49 -16.36
CA LEU B 115 -7.02 -16.18 -16.68
C LEU B 115 -5.75 -15.83 -15.89
N GLU B 116 -5.23 -16.81 -15.16
CA GLU B 116 -4.01 -16.61 -14.38
C GLU B 116 -2.92 -15.99 -15.24
N ARG B 117 -2.95 -16.31 -16.54
CA ARG B 117 -1.98 -15.84 -17.54
C ARG B 117 -1.83 -14.31 -17.65
N LEU B 118 -2.91 -13.59 -17.41
CA LEU B 118 -2.95 -12.12 -17.51
C LEU B 118 -2.38 -11.38 -16.29
N SER B 119 -2.26 -12.12 -15.20
CA SER B 119 -1.76 -11.61 -13.94
C SER B 119 -0.29 -11.23 -14.01
N PRO B 120 0.10 -10.13 -13.34
CA PRO B 120 1.52 -9.82 -13.35
C PRO B 120 2.28 -10.83 -12.50
N LEU B 121 1.55 -11.63 -11.73
CA LEU B 121 2.15 -12.63 -10.84
C LEU B 121 2.35 -13.96 -11.57
N LYS B 122 3.30 -14.77 -11.08
CA LYS B 122 3.49 -16.10 -11.64
C LYS B 122 2.19 -16.85 -11.44
N GLU B 123 1.90 -17.75 -12.39
CA GLU B 123 0.66 -18.52 -12.45
C GLU B 123 0.17 -19.16 -11.15
N GLU B 124 1.04 -19.93 -10.48
CA GLU B 124 0.66 -20.64 -9.24
C GLU B 124 0.29 -19.69 -8.10
N ILE B 125 0.78 -18.47 -8.17
CA ILE B 125 0.45 -17.55 -7.11
C ILE B 125 -0.90 -16.89 -7.41
N ALA B 126 -1.15 -16.65 -8.69
CA ALA B 126 -2.38 -15.99 -9.09
C ALA B 126 -3.60 -16.91 -9.12
N ARG B 127 -3.37 -18.23 -9.17
CA ARG B 127 -4.48 -19.20 -9.26
C ARG B 127 -5.38 -19.21 -8.01
N GLY B 128 -6.69 -19.19 -8.21
CA GLY B 128 -7.68 -19.21 -7.11
C GLY B 128 -7.76 -17.96 -6.22
N VAL B 129 -7.20 -16.85 -6.67
CA VAL B 129 -7.28 -15.63 -5.89
C VAL B 129 -8.75 -15.11 -5.85
N ASP B 130 -9.26 -14.91 -4.63
CA ASP B 130 -10.62 -14.47 -4.38
C ASP B 130 -10.65 -13.74 -3.02
N VAL B 131 -10.37 -12.45 -3.08
CA VAL B 131 -10.30 -11.66 -1.86
C VAL B 131 -11.30 -10.51 -1.95
N LEU B 132 -12.01 -10.28 -0.84
CA LEU B 132 -12.93 -9.17 -0.76
C LEU B 132 -12.34 -8.16 0.21
N ILE B 133 -12.10 -6.94 -0.30
CA ILE B 133 -11.60 -5.87 0.55
C ILE B 133 -12.84 -5.14 1.06
N VAL B 134 -12.94 -5.00 2.39
CA VAL B 134 -14.00 -4.21 3.03
C VAL B 134 -13.32 -2.99 3.58
N ARG B 135 -13.54 -1.89 2.86
CA ARG B 135 -12.94 -0.64 3.19
C ARG B 135 -13.95 0.31 3.85
N GLU B 136 -13.57 0.89 5.00
CA GLU B 136 -14.42 1.89 5.68
C GLU B 136 -14.33 3.11 4.80
N LEU B 137 -15.48 3.63 4.37
CA LEU B 137 -15.49 4.62 3.30
C LEU B 137 -15.94 6.03 3.60
N THR B 138 -16.60 6.21 4.74
CA THR B 138 -17.11 7.55 5.11
C THR B 138 -16.43 8.21 6.32
N GLY B 139 -15.43 7.57 6.90
CA GLY B 139 -14.75 8.15 8.03
C GLY B 139 -13.25 8.18 7.79
N GLY B 140 -12.49 8.16 8.89
CA GLY B 140 -11.08 8.25 8.84
C GLY B 140 -10.59 9.59 8.32
N ILE B 141 -9.36 9.55 7.84
CA ILE B 141 -8.67 10.73 7.36
C ILE B 141 -9.38 11.47 6.23
N TYR B 142 -10.10 10.72 5.36
CA TYR B 142 -10.83 11.33 4.24
C TYR B 142 -11.83 12.40 4.69
N PHE B 143 -12.42 12.20 5.86
CA PHE B 143 -13.41 13.13 6.41
C PHE B 143 -13.05 13.70 7.79
N GLY B 144 -11.87 13.37 8.32
CA GLY B 144 -11.47 13.77 9.65
C GLY B 144 -11.25 15.24 9.93
N GLU B 145 -11.88 15.73 10.99
CA GLU B 145 -11.63 17.11 11.42
C GLU B 145 -10.73 17.02 12.66
N PRO B 146 -9.77 17.96 12.84
CA PRO B 146 -9.50 19.12 11.99
C PRO B 146 -8.65 18.78 10.77
N ARG B 147 -8.72 19.65 9.76
CA ARG B 147 -7.99 19.47 8.54
C ARG B 147 -7.70 20.89 8.04
N GLY B 148 -6.56 21.09 7.42
CA GLY B 148 -6.28 22.41 6.93
C GLY B 148 -4.92 22.58 6.34
N MET B 149 -4.65 23.84 5.99
CA MET B 149 -3.43 24.22 5.29
C MET B 149 -3.14 25.71 5.56
N SER B 150 -1.86 26.01 5.76
CA SER B 150 -1.39 27.38 5.82
C SER B 150 -0.15 27.38 4.93
N GLU B 151 0.55 28.50 4.91
CA GLU B 151 1.76 28.67 4.13
C GLU B 151 2.86 27.80 4.74
N ALA B 152 2.79 27.63 6.04
CA ALA B 152 3.79 26.93 6.80
C ALA B 152 3.62 25.41 6.92
N GLU B 153 2.38 24.90 7.00
CA GLU B 153 2.12 23.47 7.17
C GLU B 153 0.71 23.08 6.77
N ALA B 154 0.41 21.78 6.86
CA ALA B 154 -0.91 21.27 6.54
C ALA B 154 -1.16 20.07 7.44
N TRP B 155 -2.42 19.75 7.71
CA TRP B 155 -2.77 18.71 8.65
C TRP B 155 -4.07 18.06 8.25
N ASN B 156 -4.18 16.79 8.59
CA ASN B 156 -5.40 16.00 8.38
C ASN B 156 -5.51 15.05 9.59
N THR B 157 -6.72 14.60 9.92
CA THR B 157 -6.90 13.78 11.12
C THR B 157 -7.46 12.41 10.77
N GLU B 158 -6.67 11.39 11.12
CA GLU B 158 -7.04 9.98 11.00
C GLU B 158 -7.72 9.70 12.37
N ARG B 159 -9.04 9.68 12.37
CA ARG B 159 -9.79 9.43 13.58
C ARG B 159 -10.92 8.46 13.26
N TYR B 160 -11.22 7.60 14.24
CA TYR B 160 -12.34 6.67 14.16
C TYR B 160 -13.06 6.65 15.50
N SER B 161 -14.40 6.53 15.47
CA SER B 161 -15.19 6.38 16.67
C SER B 161 -15.53 4.90 16.81
N LYS B 162 -15.93 4.47 18.01
CA LYS B 162 -16.24 3.04 18.23
C LYS B 162 -17.35 2.53 17.29
N PRO B 163 -18.48 3.28 17.20
CA PRO B 163 -19.60 2.86 16.32
C PRO B 163 -19.19 2.75 14.87
N GLU B 164 -18.26 3.62 14.45
CA GLU B 164 -17.80 3.60 13.05
C GLU B 164 -17.01 2.35 12.73
N VAL B 165 -16.12 1.94 13.65
CA VAL B 165 -15.34 0.73 13.47
C VAL B 165 -16.28 -0.48 13.60
N GLU B 166 -17.16 -0.49 14.60
CA GLU B 166 -18.12 -1.59 14.82
C GLU B 166 -19.00 -1.91 13.60
N ARG B 167 -19.60 -0.86 13.01
CA ARG B 167 -20.47 -1.08 11.85
C ARG B 167 -19.68 -1.60 10.60
N VAL B 168 -18.47 -1.12 10.35
CA VAL B 168 -17.76 -1.63 9.16
C VAL B 168 -17.27 -3.06 9.45
N ALA B 169 -16.86 -3.30 10.69
CA ALA B 169 -16.36 -4.61 11.09
C ALA B 169 -17.46 -5.66 10.93
N ARG B 170 -18.69 -5.32 11.35
CA ARG B 170 -19.80 -6.23 11.22
C ARG B 170 -20.05 -6.66 9.77
N VAL B 171 -19.93 -5.70 8.86
CA VAL B 171 -20.13 -5.99 7.44
C VAL B 171 -19.11 -7.03 7.03
N ALA B 172 -17.90 -6.86 7.53
CA ALA B 172 -16.81 -7.76 7.22
C ALA B 172 -17.11 -9.17 7.68
N PHE B 173 -17.54 -9.31 8.92
CA PHE B 173 -17.88 -10.62 9.46
C PHE B 173 -19.04 -11.29 8.74
N GLU B 174 -20.05 -10.50 8.38
CA GLU B 174 -21.23 -11.06 7.69
C GLU B 174 -20.81 -11.52 6.30
N ALA B 175 -19.93 -10.76 5.67
CA ALA B 175 -19.47 -11.09 4.32
C ALA B 175 -18.68 -12.39 4.36
N ALA B 176 -17.79 -12.51 5.36
CA ALA B 176 -16.98 -13.70 5.57
C ALA B 176 -17.90 -14.90 5.75
N ARG B 177 -18.80 -14.79 6.73
CA ARG B 177 -19.79 -15.83 7.07
C ARG B 177 -20.49 -16.38 5.82
N LYS B 178 -20.58 -15.58 4.75
CA LYS B 178 -21.16 -16.02 3.48
C LYS B 178 -20.12 -16.62 2.53
N ARG B 179 -18.84 -16.45 2.86
CA ARG B 179 -17.73 -16.94 2.04
C ARG B 179 -16.91 -18.08 2.71
N ARG B 180 -15.69 -17.78 3.16
CA ARG B 180 -14.82 -18.84 3.73
C ARG B 180 -14.45 -18.66 5.19
N LYS B 181 -15.25 -17.88 5.91
CA LYS B 181 -15.10 -17.66 7.36
C LYS B 181 -13.74 -17.21 7.89
N HIS B 182 -13.11 -16.32 7.15
CA HIS B 182 -11.85 -15.73 7.61
CA HIS B 182 -11.76 -15.80 7.47
C HIS B 182 -11.79 -14.27 7.27
N VAL B 183 -11.40 -13.49 8.30
CA VAL B 183 -11.26 -12.04 8.20
C VAL B 183 -9.85 -11.68 8.68
N VAL B 184 -9.22 -10.74 7.97
CA VAL B 184 -7.97 -10.19 8.41
C VAL B 184 -8.29 -8.73 8.58
N SER B 185 -8.06 -8.19 9.78
CA SER B 185 -8.24 -6.77 10.02
C SER B 185 -6.83 -6.13 9.87
N VAL B 186 -6.76 -4.95 9.29
CA VAL B 186 -5.46 -4.35 8.94
C VAL B 186 -5.35 -2.94 9.51
N ASP B 187 -4.27 -2.72 10.29
CA ASP B 187 -4.05 -1.44 10.97
C ASP B 187 -2.53 -1.17 11.06
N LYS B 188 -2.16 -0.10 11.73
CA LYS B 188 -0.76 0.15 12.04
C LYS B 188 -0.73 0.39 13.57
N ALA B 189 -1.30 -0.58 14.30
CA ALA B 189 -1.42 -0.48 15.77
C ALA B 189 -0.11 -0.30 16.50
N ASN B 190 0.98 -0.81 15.90
CA ASN B 190 2.30 -0.70 16.51
C ASN B 190 2.82 0.74 16.53
N VAL B 191 2.25 1.62 15.71
CA VAL B 191 2.70 3.01 15.72
C VAL B 191 1.57 3.97 16.05
N LEU B 192 0.35 3.57 15.75
CA LEU B 192 -0.77 4.49 15.81
C LEU B 192 -1.86 4.13 16.82
N GLU B 193 -2.16 5.09 17.70
CA GLU B 193 -3.28 4.94 18.65
C GLU B 193 -4.57 4.52 17.96
N VAL B 194 -4.81 5.10 16.79
CA VAL B 194 -6.05 4.81 16.06
C VAL B 194 -6.04 3.33 15.64
N GLY B 195 -4.85 2.79 15.38
CA GLY B 195 -4.71 1.39 14.99
C GLY B 195 -5.02 0.50 16.17
N GLU B 196 -4.48 0.83 17.34
CA GLU B 196 -4.74 0.08 18.59
C GLU B 196 -6.26 0.03 18.88
N PHE B 197 -6.89 1.18 18.69
CA PHE B 197 -8.32 1.34 18.92
C PHE B 197 -9.12 0.51 17.91
N TRP B 198 -8.73 0.59 16.64
CA TRP B 198 -9.35 -0.18 15.58
C TRP B 198 -9.25 -1.65 15.90
N ARG B 199 -8.05 -2.15 16.15
CA ARG B 199 -7.84 -3.59 16.47
C ARG B 199 -8.68 -4.07 17.66
N LYS B 200 -8.67 -3.29 18.73
CA LYS B 200 -9.44 -3.65 19.92
C LYS B 200 -10.97 -3.77 19.62
N THR B 201 -11.50 -2.81 18.88
CA THR B 201 -12.93 -2.81 18.55
C THR B 201 -13.29 -3.96 17.60
N VAL B 202 -12.49 -4.20 16.57
CA VAL B 202 -12.76 -5.33 15.67
C VAL B 202 -12.75 -6.65 16.47
N GLU B 203 -11.89 -6.72 17.49
CA GLU B 203 -11.75 -7.92 18.28
C GLU B 203 -13.04 -8.13 19.06
N GLU B 204 -13.59 -7.08 19.68
CA GLU B 204 -14.86 -7.21 20.43
C GLU B 204 -16.00 -7.62 19.51
N VAL B 205 -16.09 -7.01 18.32
CA VAL B 205 -17.16 -7.37 17.37
C VAL B 205 -17.00 -8.85 16.98
N GLY B 206 -15.75 -9.25 16.75
CA GLY B 206 -15.40 -10.62 16.36
C GLY B 206 -15.96 -11.69 17.26
N ARG B 207 -16.05 -11.37 18.55
CA ARG B 207 -16.60 -12.32 19.53
C ARG B 207 -18.04 -12.71 19.24
N GLY B 208 -18.81 -11.84 18.59
CA GLY B 208 -20.18 -12.18 18.23
C GLY B 208 -20.21 -13.13 17.02
N TYR B 209 -19.05 -13.36 16.42
CA TYR B 209 -18.89 -14.26 15.25
C TYR B 209 -17.91 -15.41 15.56
N PRO B 210 -18.24 -16.25 16.56
CA PRO B 210 -17.30 -17.34 16.93
C PRO B 210 -16.96 -18.33 15.79
N ASP B 211 -17.75 -18.32 14.72
CA ASP B 211 -17.56 -19.20 13.56
C ASP B 211 -16.58 -18.59 12.52
N VAL B 212 -16.25 -17.31 12.68
CA VAL B 212 -15.32 -16.66 11.74
C VAL B 212 -13.94 -16.54 12.36
N ALA B 213 -12.90 -16.92 11.61
CA ALA B 213 -11.51 -16.78 12.09
C ALA B 213 -11.03 -15.35 11.91
N LEU B 214 -10.43 -14.76 12.95
CA LEU B 214 -9.95 -13.37 12.89
C LEU B 214 -8.42 -13.22 13.04
N GLU B 215 -7.83 -12.41 12.16
CA GLU B 215 -6.38 -12.25 12.14
C GLU B 215 -6.13 -10.79 11.95
N HIS B 216 -5.03 -10.29 12.53
CA HIS B 216 -4.64 -8.90 12.41
C HIS B 216 -3.30 -8.81 11.72
N GLN B 217 -3.18 -7.87 10.78
CA GLN B 217 -1.91 -7.68 10.11
C GLN B 217 -1.63 -6.20 10.05
N TYR B 218 -0.35 -5.80 10.16
CA TYR B 218 0.03 -4.39 9.92
C TYR B 218 -0.08 -4.12 8.43
N VAL B 219 -0.43 -2.89 8.10
CA VAL B 219 -0.65 -2.49 6.72
C VAL B 219 0.54 -2.71 5.76
N ASP B 220 1.76 -2.50 6.26
CA ASP B 220 2.93 -2.67 5.40
C ASP B 220 3.08 -4.19 5.13
N ALA B 221 3.02 -5.03 6.18
CA ALA B 221 3.11 -6.50 5.99
C ALA B 221 1.97 -7.01 5.08
N MET B 222 0.79 -6.40 5.22
CA MET B 222 -0.36 -6.82 4.41
C MET B 222 -0.13 -6.56 2.92
N ALA B 223 0.45 -5.39 2.60
CA ALA B 223 0.78 -5.05 1.18
C ALA B 223 1.69 -6.14 0.64
N MET B 224 2.68 -6.56 1.42
CA MET B 224 3.51 -7.69 1.03
C MET B 224 2.73 -8.99 0.80
N HIS B 225 1.88 -9.36 1.77
CA HIS B 225 1.13 -10.62 1.66
C HIS B 225 0.16 -10.67 0.47
N LEU B 226 -0.41 -9.53 0.12
CA LEU B 226 -1.31 -9.50 -1.04
C LEU B 226 -0.58 -9.80 -2.33
N VAL B 227 0.73 -9.67 -2.31
CA VAL B 227 1.53 -10.01 -3.48
C VAL B 227 2.16 -11.43 -3.40
N ARG B 228 2.67 -11.82 -2.23
CA ARG B 228 3.28 -13.14 -2.07
C ARG B 228 2.25 -14.24 -1.93
N SER B 229 1.23 -14.02 -1.11
CA SER B 229 0.22 -15.07 -0.98
C SER B 229 -1.23 -14.61 -0.89
N PRO B 230 -1.75 -13.96 -1.95
CA PRO B 230 -3.14 -13.48 -1.94
C PRO B 230 -4.15 -14.58 -1.72
N ALA B 231 -3.82 -15.80 -2.13
CA ALA B 231 -4.71 -16.95 -2.02
C ALA B 231 -5.14 -17.34 -0.61
N ARG B 232 -4.37 -16.96 0.40
CA ARG B 232 -4.75 -17.29 1.79
C ARG B 232 -5.79 -16.33 2.40
N PHE B 233 -6.16 -15.26 1.68
CA PHE B 233 -7.13 -14.35 2.24
C PHE B 233 -8.52 -14.53 1.65
N ASP B 234 -9.49 -14.21 2.49
CA ASP B 234 -10.89 -14.28 2.14
C ASP B 234 -11.40 -12.83 2.26
N VAL B 235 -11.71 -12.38 3.47
CA VAL B 235 -12.13 -11.00 3.71
C VAL B 235 -11.05 -10.20 4.43
N VAL B 236 -10.87 -8.96 3.98
CA VAL B 236 -9.89 -8.08 4.53
C VAL B 236 -10.65 -6.84 4.93
N VAL B 237 -10.49 -6.39 6.18
CA VAL B 237 -11.23 -5.18 6.56
C VAL B 237 -10.27 -4.16 7.10
N THR B 238 -10.48 -2.91 6.70
CA THR B 238 -9.57 -1.86 7.09
C THR B 238 -10.18 -0.46 6.94
N GLY B 239 -9.42 0.56 7.33
CA GLY B 239 -9.83 1.97 7.32
C GLY B 239 -9.81 2.57 5.93
N ASN B 240 -10.22 3.82 5.84
CA ASN B 240 -10.38 4.50 4.57
C ASN B 240 -9.13 4.54 3.62
N ILE B 241 -8.00 5.06 4.09
CA ILE B 241 -6.82 5.21 3.27
C ILE B 241 -6.07 3.86 3.10
N PHE B 242 -6.04 3.04 4.15
CA PHE B 242 -5.44 1.72 4.03
C PHE B 242 -6.24 0.87 3.04
N GLY B 243 -7.56 1.01 3.05
CA GLY B 243 -8.45 0.29 2.12
C GLY B 243 -8.26 0.78 0.69
N ASP B 244 -8.10 2.10 0.52
CA ASP B 244 -7.84 2.68 -0.80
C ASP B 244 -6.54 2.07 -1.44
N ILE B 245 -5.46 2.01 -0.66
CA ILE B 245 -4.19 1.52 -1.13
C ILE B 245 -4.27 0.01 -1.41
N LEU B 246 -4.72 -0.77 -0.41
CA LEU B 246 -4.71 -2.23 -0.61
C LEU B 246 -5.65 -2.73 -1.74
N SER B 247 -6.79 -2.04 -1.93
CA SER B 247 -7.76 -2.40 -2.99
C SER B 247 -7.20 -2.12 -4.40
N ASP B 248 -6.49 -1.00 -4.60
CA ASP B 248 -5.77 -0.77 -5.87
C ASP B 248 -4.71 -1.85 -6.08
N LEU B 249 -4.02 -2.18 -5.00
CA LEU B 249 -3.01 -3.23 -5.05
C LEU B 249 -3.64 -4.56 -5.49
N ALA B 250 -4.73 -4.96 -4.84
CA ALA B 250 -5.44 -6.21 -5.18
C ALA B 250 -5.97 -6.22 -6.61
N SER B 251 -6.30 -5.04 -7.11
CA SER B 251 -6.86 -4.84 -8.44
C SER B 251 -5.91 -5.26 -9.49
N VAL B 252 -4.61 -5.17 -9.21
CA VAL B 252 -3.64 -5.55 -10.24
C VAL B 252 -3.54 -7.05 -10.44
N LEU B 253 -3.87 -7.82 -9.38
CA LEU B 253 -3.78 -9.29 -9.44
C LEU B 253 -4.35 -9.95 -10.73
N PRO B 254 -5.64 -9.71 -11.09
CA PRO B 254 -6.14 -10.34 -12.33
C PRO B 254 -5.57 -9.77 -13.62
N GLY B 255 -4.80 -8.69 -13.49
CA GLY B 255 -4.06 -8.16 -14.62
C GLY B 255 -4.46 -6.86 -15.24
N SER B 256 -5.53 -6.26 -14.74
CA SER B 256 -5.95 -4.98 -15.32
C SER B 256 -6.72 -4.11 -14.37
N LEU B 257 -6.95 -2.91 -14.89
CA LEU B 257 -7.83 -1.91 -14.30
C LEU B 257 -8.90 -2.08 -15.32
N GLY B 258 -10.12 -2.27 -14.92
CA GLY B 258 -11.16 -2.47 -15.91
C GLY B 258 -11.80 -3.74 -15.48
N LEU B 259 -11.12 -4.40 -14.54
CA LEU B 259 -11.60 -5.66 -13.98
C LEU B 259 -12.31 -5.57 -12.62
N LEU B 260 -12.05 -4.50 -11.85
CA LEU B 260 -12.67 -4.37 -10.52
C LEU B 260 -13.92 -3.53 -10.33
N PRO B 261 -14.99 -4.18 -9.88
CA PRO B 261 -16.22 -3.52 -9.51
C PRO B 261 -16.17 -3.21 -8.01
N SER B 262 -17.16 -2.48 -7.52
CA SER B 262 -17.29 -2.16 -6.10
C SER B 262 -18.73 -1.85 -5.76
N ALA B 263 -19.06 -2.08 -4.49
CA ALA B 263 -20.37 -1.74 -3.94
C ALA B 263 -20.05 -0.84 -2.76
N SER B 264 -20.83 0.22 -2.60
CA SER B 264 -20.69 1.15 -1.49
C SER B 264 -22.04 1.04 -0.74
N LEU B 265 -22.00 0.44 0.45
CA LEU B 265 -23.23 0.13 1.20
C LEU B 265 -23.29 0.82 2.56
N GLY B 266 -24.48 1.27 2.93
CA GLY B 266 -24.65 1.97 4.20
C GLY B 266 -26.04 2.38 4.63
N ARG B 267 -26.20 3.65 4.97
CA ARG B 267 -27.48 4.12 5.50
C ARG B 267 -28.46 4.52 4.43
N GLY B 268 -27.95 5.20 3.41
CA GLY B 268 -28.76 5.71 2.30
C GLY B 268 -28.74 4.83 1.07
N THR B 269 -28.86 5.44 -0.10
CA THR B 269 -28.93 4.70 -1.36
C THR B 269 -27.59 4.09 -1.75
N PRO B 270 -27.55 2.76 -1.93
CA PRO B 270 -26.25 2.12 -2.25
C PRO B 270 -25.73 2.50 -3.64
N VAL B 271 -24.40 2.56 -3.76
CA VAL B 271 -23.69 2.96 -5.01
C VAL B 271 -22.77 1.89 -5.60
N PHE B 272 -22.92 1.66 -6.89
CA PHE B 272 -22.11 0.64 -7.58
C PHE B 272 -21.31 1.27 -8.70
N GLU B 273 -19.98 1.24 -8.58
CA GLU B 273 -19.07 1.88 -9.55
C GLU B 273 -17.81 1.07 -9.86
N PRO B 274 -17.30 1.23 -11.09
CA PRO B 274 -16.05 0.55 -11.38
C PRO B 274 -14.90 1.31 -10.73
N VAL B 275 -13.98 0.55 -10.15
CA VAL B 275 -12.78 1.07 -9.56
C VAL B 275 -11.83 1.40 -10.71
N HIS B 276 -12.07 2.49 -11.41
CA HIS B 276 -11.05 2.97 -12.38
C HIS B 276 -11.39 4.39 -12.68
N GLY B 277 -10.39 5.15 -13.06
CA GLY B 277 -10.58 6.53 -13.38
C GLY B 277 -11.35 6.69 -14.67
N SER B 278 -11.51 7.95 -15.06
CA SER B 278 -12.21 8.30 -16.28
C SER B 278 -11.41 7.94 -17.56
N ALA B 279 -10.15 7.53 -17.38
CA ALA B 279 -9.24 7.18 -18.50
C ALA B 279 -9.47 8.09 -19.69
N PRO B 280 -9.31 9.41 -19.49
CA PRO B 280 -9.52 10.53 -20.43
C PRO B 280 -9.07 10.32 -21.86
N ASP B 281 -7.88 9.73 -22.04
CA ASP B 281 -7.29 9.53 -23.39
C ASP B 281 -8.07 8.61 -24.34
N ILE B 282 -8.63 7.53 -23.81
CA ILE B 282 -9.36 6.55 -24.63
C ILE B 282 -10.89 6.78 -24.74
N ALA B 283 -11.36 7.90 -24.17
CA ALA B 283 -12.78 8.29 -24.22
C ALA B 283 -13.29 8.49 -25.65
N GLY B 284 -14.42 7.86 -25.96
CA GLY B 284 -15.04 7.97 -27.29
C GLY B 284 -14.36 7.18 -28.38
N LYS B 285 -13.33 6.42 -28.01
CA LYS B 285 -12.59 5.56 -28.97
C LYS B 285 -13.17 4.14 -29.03
N GLY B 286 -14.01 3.78 -28.06
CA GLY B 286 -14.69 2.48 -28.04
C GLY B 286 -13.87 1.24 -27.75
N ILE B 287 -12.83 1.39 -26.92
CA ILE B 287 -11.94 0.27 -26.56
C ILE B 287 -11.93 -0.09 -25.07
N ALA B 288 -12.35 0.87 -24.24
CA ALA B 288 -12.40 0.70 -22.79
C ALA B 288 -13.07 -0.59 -22.36
N ASN B 289 -12.43 -1.27 -21.42
CA ASN B 289 -12.91 -2.53 -20.90
C ASN B 289 -14.07 -2.27 -19.94
N PRO B 290 -15.28 -2.74 -20.30
CA PRO B 290 -16.48 -2.53 -19.50
C PRO B 290 -16.70 -3.57 -18.39
N THR B 291 -15.77 -4.51 -18.26
CA THR B 291 -15.88 -5.58 -17.26
C THR B 291 -16.32 -5.07 -15.87
N ALA B 292 -15.58 -4.09 -15.35
CA ALA B 292 -15.81 -3.55 -14.04
C ALA B 292 -17.18 -2.88 -13.87
N ALA B 293 -17.65 -2.18 -14.91
CA ALA B 293 -18.99 -1.57 -14.88
C ALA B 293 -20.08 -2.66 -14.85
N ILE B 294 -19.92 -3.67 -15.71
CA ILE B 294 -20.86 -4.78 -15.78
C ILE B 294 -20.90 -5.55 -14.43
N LEU B 295 -19.73 -5.86 -13.88
CA LEU B 295 -19.68 -6.55 -12.59
C LEU B 295 -20.20 -5.66 -11.46
N SER B 296 -20.17 -4.33 -11.65
CA SER B 296 -20.73 -3.41 -10.66
C SER B 296 -22.24 -3.48 -10.66
N ALA B 297 -22.85 -3.56 -11.85
CA ALA B 297 -24.30 -3.72 -11.93
C ALA B 297 -24.69 -5.11 -11.40
N ALA B 298 -23.76 -6.06 -11.49
CA ALA B 298 -23.98 -7.40 -10.98
C ALA B 298 -24.00 -7.33 -9.45
N MET B 299 -23.10 -6.56 -8.86
CA MET B 299 -23.08 -6.38 -7.39
C MET B 299 -24.36 -5.63 -6.96
N MET B 300 -24.80 -4.72 -7.83
CA MET B 300 -26.05 -4.00 -7.59
C MET B 300 -27.19 -5.01 -7.48
N LEU B 301 -27.29 -5.91 -8.45
CA LEU B 301 -28.36 -6.91 -8.43
C LEU B 301 -28.37 -7.70 -7.14
N GLU B 302 -27.19 -8.05 -6.65
CA GLU B 302 -27.08 -8.86 -5.44
C GLU B 302 -27.33 -8.11 -4.16
N HIS B 303 -26.58 -7.04 -3.98
CA HIS B 303 -26.61 -6.29 -2.74
C HIS B 303 -27.80 -5.33 -2.63
N ALA B 304 -28.25 -4.77 -3.75
CA ALA B 304 -29.36 -3.84 -3.70
C ALA B 304 -30.70 -4.58 -3.85
N PHE B 305 -30.73 -5.59 -4.70
CA PHE B 305 -32.00 -6.27 -4.95
C PHE B 305 -32.07 -7.73 -4.48
N GLY B 306 -30.99 -8.22 -3.85
CA GLY B 306 -30.94 -9.60 -3.35
C GLY B 306 -31.05 -10.62 -4.47
N LEU B 307 -30.63 -10.23 -5.66
CA LEU B 307 -30.64 -11.12 -6.83
C LEU B 307 -29.31 -11.88 -7.00
N VAL B 308 -28.95 -12.65 -5.96
CA VAL B 308 -27.72 -13.45 -5.89
C VAL B 308 -27.45 -14.23 -7.20
N GLU B 309 -28.30 -15.23 -7.46
CA GLU B 309 -28.22 -16.06 -8.67
C GLU B 309 -27.95 -15.32 -9.98
N LEU B 310 -28.68 -14.22 -10.19
CA LEU B 310 -28.58 -13.39 -11.40
C LEU B 310 -27.21 -12.69 -11.46
N ALA B 311 -26.79 -12.11 -10.34
CA ALA B 311 -25.47 -11.48 -10.25
C ALA B 311 -24.41 -12.49 -10.69
N ARG B 312 -24.55 -13.73 -10.21
CA ARG B 312 -23.65 -14.82 -10.52
C ARG B 312 -23.64 -15.24 -11.98
N LYS B 313 -24.82 -15.22 -12.62
CA LYS B 313 -24.91 -15.55 -14.05
C LYS B 313 -24.23 -14.47 -14.88
N VAL B 314 -24.36 -13.23 -14.42
CA VAL B 314 -23.71 -12.11 -15.06
C VAL B 314 -22.19 -12.27 -14.95
N GLU B 315 -21.73 -12.60 -13.75
CA GLU B 315 -20.31 -12.82 -13.49
C GLU B 315 -19.71 -13.98 -14.31
N ASP B 316 -20.38 -15.15 -14.32
CA ASP B 316 -19.87 -16.29 -15.11
C ASP B 316 -19.79 -15.89 -16.60
N ALA B 317 -20.80 -15.14 -17.08
CA ALA B 317 -20.83 -14.66 -18.48
C ALA B 317 -19.61 -13.79 -18.81
N VAL B 318 -19.38 -12.77 -17.99
CA VAL B 318 -18.19 -11.89 -18.12
C VAL B 318 -16.88 -12.70 -18.14
N ALA B 319 -16.79 -13.69 -17.25
CA ALA B 319 -15.62 -14.55 -17.13
C ALA B 319 -15.29 -15.27 -18.42
N LYS B 320 -16.31 -15.82 -19.06
CA LYS B 320 -16.13 -16.56 -20.31
C LYS B 320 -15.87 -15.60 -21.47
N ALA B 321 -16.41 -14.38 -21.37
CA ALA B 321 -16.21 -13.36 -22.39
C ALA B 321 -14.76 -12.92 -22.44
N LEU B 322 -14.13 -12.89 -21.26
CA LEU B 322 -12.73 -12.51 -21.08
C LEU B 322 -11.77 -13.56 -21.67
N LEU B 323 -12.07 -14.84 -21.43
CA LEU B 323 -11.25 -15.92 -21.97
C LEU B 323 -11.53 -16.18 -23.47
N GLU B 324 -12.67 -15.68 -23.96
CA GLU B 324 -13.05 -15.86 -25.36
C GLU B 324 -12.65 -14.68 -26.25
N THR B 325 -13.03 -13.46 -25.85
CA THR B 325 -12.67 -12.25 -26.61
C THR B 325 -12.11 -11.16 -25.71
N PRO B 326 -10.83 -11.28 -25.32
CA PRO B 326 -10.20 -10.29 -24.45
C PRO B 326 -10.13 -8.87 -25.07
N PRO B 327 -10.16 -7.83 -24.21
CA PRO B 327 -10.10 -6.46 -24.72
C PRO B 327 -8.65 -6.02 -24.95
N PRO B 328 -8.45 -4.82 -25.54
CA PRO B 328 -7.11 -4.29 -25.80
C PRO B 328 -6.20 -4.31 -24.55
N ASP B 329 -6.75 -3.85 -23.42
CA ASP B 329 -6.05 -3.77 -22.12
C ASP B 329 -5.59 -5.12 -21.53
N LEU B 330 -6.03 -6.22 -22.15
CA LEU B 330 -5.58 -7.56 -21.75
C LEU B 330 -5.19 -8.39 -22.97
N GLY B 331 -4.29 -7.82 -23.77
CA GLY B 331 -3.71 -8.47 -24.95
C GLY B 331 -4.64 -8.76 -26.11
N GLY B 332 -5.94 -8.50 -25.95
CA GLY B 332 -6.92 -8.77 -26.99
C GLY B 332 -7.15 -7.60 -27.94
N SER B 333 -8.24 -7.68 -28.70
CA SER B 333 -8.60 -6.60 -29.63
C SER B 333 -10.12 -6.40 -29.71
N ALA B 334 -10.82 -6.80 -28.66
CA ALA B 334 -12.27 -6.65 -28.61
C ALA B 334 -12.69 -5.32 -27.97
N GLY B 335 -13.23 -4.42 -28.80
CA GLY B 335 -13.68 -3.10 -28.38
C GLY B 335 -14.83 -3.17 -27.39
N THR B 336 -15.24 -2.01 -26.89
CA THR B 336 -16.31 -1.91 -25.88
C THR B 336 -17.62 -2.66 -26.24
N GLU B 337 -18.14 -2.41 -27.45
CA GLU B 337 -19.40 -3.00 -27.88
C GLU B 337 -19.34 -4.47 -28.24
N ALA B 338 -18.28 -4.86 -28.94
CA ALA B 338 -18.10 -6.26 -29.31
C ALA B 338 -17.97 -7.14 -28.06
N PHE B 339 -17.26 -6.64 -27.05
CA PHE B 339 -17.06 -7.39 -25.79
C PHE B 339 -18.38 -7.60 -25.06
N THR B 340 -19.20 -6.54 -25.04
CA THR B 340 -20.50 -6.55 -24.37
C THR B 340 -21.42 -7.57 -25.03
N ALA B 341 -21.37 -7.63 -26.36
CA ALA B 341 -22.17 -8.57 -27.13
C ALA B 341 -21.80 -10.02 -26.77
N THR B 342 -20.53 -10.24 -26.41
CA THR B 342 -20.06 -11.56 -26.01
C THR B 342 -20.68 -11.92 -24.66
N VAL B 343 -20.73 -10.94 -23.75
CA VAL B 343 -21.37 -11.12 -22.44
C VAL B 343 -22.87 -11.39 -22.67
N LEU B 344 -23.48 -10.61 -23.56
CA LEU B 344 -24.88 -10.79 -23.92
C LEU B 344 -25.12 -12.20 -24.46
N ARG B 345 -24.24 -12.67 -25.35
CA ARG B 345 -24.35 -14.01 -25.93
C ARG B 345 -24.26 -15.13 -24.90
N HIS B 346 -23.39 -14.96 -23.91
CA HIS B 346 -23.22 -15.97 -22.86
C HIS B 346 -24.38 -15.97 -21.85
N LEU B 347 -25.02 -14.82 -21.67
CA LEU B 347 -26.18 -14.70 -20.78
C LEU B 347 -27.46 -15.44 -21.23
N ALA B 348 -27.37 -16.13 -22.37
CA ALA B 348 -28.50 -16.89 -22.88
C ALA B 348 -28.08 -18.34 -23.12
N ALA B 349 -27.74 -18.75 -24.24
C1 IPM C . 9.75 -0.35 9.44
C2 IPM C . 8.84 -0.95 10.48
C3 IPM C . 8.53 0.13 11.57
C4 IPM C . 7.97 1.43 10.95
C5 IPM C . 7.71 -0.39 12.76
C6 IPM C . 7.48 0.74 13.77
C7 IPM C . 8.39 -1.60 13.45
O1 IPM C . 7.61 -1.33 9.90
O2 IPM C . 9.27 -0.08 8.38
O3 IPM C . 10.97 0.00 9.82
O4 IPM C . 8.85 2.39 10.61
O5 IPM C . 6.78 1.48 10.73
MN MN D . 7.43 -1.12 7.77
C1 IPM E . -11.15 5.23 -5.25
C2 IPM E . -10.54 6.55 -5.72
C3 IPM E . -11.07 7.73 -4.86
C4 IPM E . -10.72 7.40 -3.40
C5 IPM E . -10.47 9.08 -5.31
C6 IPM E . -10.97 10.26 -4.46
C7 IPM E . -10.71 9.38 -6.81
O1 IPM E . -9.11 6.48 -5.54
O2 IPM E . -12.32 5.06 -5.40
O3 IPM E . -10.32 4.34 -4.70
O4 IPM E . -11.64 6.77 -2.68
O5 IPM E . -9.67 7.76 -2.94
MN MN F . -8.25 4.48 -4.94
MN MN G . -31.25 9.47 4.04
MN MN H . -35.80 -18.78 -16.94
#